data_7QGT
#
_entry.id   7QGT
#
_cell.length_a   125.553
_cell.length_b   134.573
_cell.length_c   169.291
_cell.angle_alpha   90
_cell.angle_beta   90
_cell.angle_gamma   90
#
_symmetry.space_group_name_H-M   'I 2 2 2'
#
loop_
_entity.id
_entity.type
_entity.pdbx_description
1 polymer 'Cystathionine beta-synthase'
2 non-polymer 'PROTOPORPHYRIN IX CONTAINING FE'
3 non-polymer "PYRIDOXAL-5'-PHOSPHATE"
4 non-polymer "4'-DEOXY-4'-ACETYLYAMINO-PYRIDOXAL-5'-PHOSPHATE"
5 water water
#
_entity_poly.entity_id   1
_entity_poly.type   'polypeptide(L)'
_entity_poly.pdbx_seq_one_letter_code
;MHHHHHHSSGVDLGTENLYFQSMPSETPQAEVGPTGCPHRSGPHSAKGSLEKGSPEDKEAKEPLWIRPDAPSRCTWQLGR
PASESPHHHTAPAKSPKILPDILKKIGDTPMVRINKIGKKFGLKCELLAKCEFFNAGGSVKDRISLRMIEDAERDGTLKP
GDTIIEPTSGNTGIGLALAAAVRGYRCIIVMPEKMSSEKVDVLRALGAEIVRTPTNARFDSPESHVGVAWRLKNEIPNSH
ILDQYRNASNPLAHYDTTADEILQQCDGKLDMLVASVGTGGTITGIARKLKEKCPGCRIIGVDPEGSILAEPEELNQTEQ
TTYEVEGIGYDFIPTVLDRTVVDKWFKSNDEEAFTFARMLIAQEGLLCGGSAGSTVAVAVKAAQELQEGQRCVVILPDSV
RNYMTKFLSDRWMLQKGFLKEEDLTEKKPWWWHLRVQELGLSAPLTVLPTITCGHTIEILREKGFDQAPVVDEAGVILGM
VTLGNMLSSLLAGKVQPSDQVGKVIYKQFKQIRLTDTLGRLSHILEMDHFALVVHEQQRQMVFGVVTAIDLLNFVAAQER
DQK
;
_entity_poly.pdbx_strand_id   A,B
#
# COMPACT_ATOMS: atom_id res chain seq x y z
N PRO A 63 3.24 -39.75 -8.57
CA PRO A 63 4.14 -39.33 -7.48
C PRO A 63 4.91 -38.05 -7.79
N LEU A 64 5.44 -37.42 -6.74
CA LEU A 64 6.24 -36.18 -6.75
C LEU A 64 5.41 -34.91 -7.07
N TRP A 65 4.32 -35.09 -7.85
CA TRP A 65 3.52 -33.99 -8.33
C TRP A 65 2.20 -34.45 -8.92
N ILE A 66 1.17 -33.61 -8.80
CA ILE A 66 -0.12 -33.81 -9.45
C ILE A 66 -0.36 -32.56 -10.28
N ARG A 67 -0.46 -32.72 -11.61
CA ARG A 67 -0.67 -31.63 -12.57
C ARG A 67 -1.77 -30.67 -12.13
N PRO A 68 -1.53 -29.35 -12.09
CA PRO A 68 -2.61 -28.42 -11.71
C PRO A 68 -3.67 -28.22 -12.79
N ASP A 69 -3.49 -28.86 -13.95
CA ASP A 69 -4.43 -28.77 -15.06
C ASP A 69 -5.14 -30.09 -15.36
N ALA A 70 -5.07 -31.08 -14.44
CA ALA A 70 -5.74 -32.36 -14.64
C ALA A 70 -7.25 -32.13 -14.75
N PRO A 71 -7.93 -32.82 -15.68
CA PRO A 71 -9.37 -32.58 -15.87
C PRO A 71 -10.18 -32.71 -14.59
N SER A 72 -11.19 -31.86 -14.44
CA SER A 72 -12.00 -31.88 -13.24
C SER A 72 -12.82 -33.15 -13.17
N ARG A 73 -12.81 -33.78 -12.01
CA ARG A 73 -13.61 -34.98 -11.73
C ARG A 73 -14.95 -34.61 -11.07
N CYS A 74 -15.29 -33.30 -10.99
CA CYS A 74 -16.53 -32.81 -10.41
C CYS A 74 -17.69 -33.22 -11.28
N THR A 75 -18.71 -33.84 -10.68
CA THR A 75 -19.88 -34.26 -11.45
C THR A 75 -21.02 -33.22 -11.40
N TRP A 76 -20.72 -31.97 -11.02
CA TRP A 76 -21.73 -30.92 -11.01
C TRP A 76 -22.17 -30.65 -12.44
N GLN A 77 -23.44 -30.43 -12.59
CA GLN A 77 -24.02 -30.00 -13.84
C GLN A 77 -25.22 -29.12 -13.49
N LEU A 78 -25.47 -28.07 -14.28
CA LEU A 78 -26.58 -27.15 -14.00
C LEU A 78 -27.90 -27.88 -14.01
N GLY A 79 -28.64 -27.74 -12.92
CA GLY A 79 -29.88 -28.47 -12.76
C GLY A 79 -29.81 -29.46 -11.62
N ARG A 80 -28.60 -29.90 -11.23
CA ARG A 80 -28.44 -30.81 -10.10
C ARG A 80 -28.78 -30.07 -8.80
N PRO A 81 -29.68 -30.63 -7.99
CA PRO A 81 -30.01 -30.00 -6.71
C PRO A 81 -28.82 -29.91 -5.79
N ALA A 82 -28.76 -28.87 -4.95
CA ALA A 82 -27.65 -28.70 -4.01
C ALA A 82 -27.51 -29.89 -3.04
N SER A 83 -28.62 -30.60 -2.77
CA SER A 83 -28.63 -31.77 -1.90
C SER A 83 -27.72 -32.90 -2.42
N GLU A 84 -27.39 -32.91 -3.70
CA GLU A 84 -26.54 -33.94 -4.28
C GLU A 84 -25.03 -33.64 -4.15
N SER A 85 -24.65 -32.43 -3.73
CA SER A 85 -23.24 -32.08 -3.59
C SER A 85 -22.57 -32.89 -2.50
N PRO A 86 -21.39 -33.47 -2.79
CA PRO A 86 -20.67 -34.23 -1.76
C PRO A 86 -19.73 -33.36 -0.95
N HIS A 87 -19.74 -32.04 -1.16
CA HIS A 87 -18.83 -31.11 -0.50
C HIS A 87 -19.44 -30.53 0.76
N HIS A 88 -18.59 -29.94 1.62
CA HIS A 88 -19.07 -29.21 2.77
C HIS A 88 -19.37 -27.79 2.27
N HIS A 89 -20.50 -27.23 2.69
CA HIS A 89 -20.87 -25.88 2.29
C HIS A 89 -21.09 -25.02 3.52
N THR A 90 -20.35 -23.91 3.63
CA THR A 90 -20.50 -23.01 4.77
C THR A 90 -21.48 -21.91 4.43
N ALA A 91 -22.45 -21.68 5.32
CA ALA A 91 -23.45 -20.64 5.10
C ALA A 91 -22.97 -19.37 5.76
N PRO A 92 -22.90 -18.24 5.02
CA PRO A 92 -22.47 -16.98 5.65
C PRO A 92 -23.36 -16.62 6.83
N ALA A 93 -22.75 -16.39 7.99
CA ALA A 93 -23.48 -16.05 9.20
C ALA A 93 -23.06 -14.67 9.72
N LYS A 94 -23.90 -14.06 10.57
CA LYS A 94 -23.61 -12.76 11.16
C LYS A 94 -22.30 -12.83 11.97
N SER A 95 -21.44 -11.83 11.82
CA SER A 95 -20.18 -11.80 12.54
C SER A 95 -20.34 -11.08 13.89
N PRO A 96 -19.52 -11.44 14.90
CA PRO A 96 -19.68 -10.81 16.21
C PRO A 96 -19.25 -9.34 16.22
N LYS A 97 -19.68 -8.60 17.26
CA LYS A 97 -19.35 -7.19 17.41
C LYS A 97 -17.84 -6.98 17.49
N ILE A 98 -17.17 -7.85 18.25
CA ILE A 98 -15.72 -7.87 18.40
C ILE A 98 -15.22 -9.12 17.68
N LEU A 99 -14.33 -8.94 16.71
CA LEU A 99 -13.76 -10.05 15.98
C LEU A 99 -12.71 -10.74 16.84
N PRO A 100 -12.80 -12.07 16.98
CA PRO A 100 -11.79 -12.79 17.79
C PRO A 100 -10.35 -12.69 17.26
N ASP A 101 -10.23 -12.51 15.94
CA ASP A 101 -8.97 -12.25 15.25
C ASP A 101 -9.26 -11.61 13.89
N ILE A 102 -8.22 -11.08 13.22
CA ILE A 102 -8.38 -10.39 11.94
C ILE A 102 -8.91 -11.29 10.81
N LEU A 103 -8.78 -12.62 10.95
CA LEU A 103 -9.28 -13.53 9.92
C LEU A 103 -10.80 -13.47 9.76
N LYS A 104 -11.53 -12.97 10.76
CA LYS A 104 -12.98 -12.79 10.62
C LYS A 104 -13.31 -11.60 9.69
N LYS A 105 -12.34 -10.69 9.43
CA LYS A 105 -12.51 -9.54 8.54
C LYS A 105 -12.22 -9.96 7.09
N ILE A 106 -12.87 -11.02 6.67
CA ILE A 106 -12.76 -11.55 5.32
C ILE A 106 -14.16 -11.84 4.87
N GLY A 107 -14.59 -11.20 3.79
CA GLY A 107 -15.97 -11.30 3.32
C GLY A 107 -16.75 -10.04 3.65
N ASP A 108 -18.04 -10.03 3.31
CA ASP A 108 -18.96 -8.92 3.46
C ASP A 108 -18.42 -7.67 2.79
N THR A 109 -17.85 -7.82 1.59
CA THR A 109 -17.24 -6.71 0.88
C THR A 109 -18.27 -5.79 0.24
N PRO A 110 -17.95 -4.48 0.12
CA PRO A 110 -18.92 -3.55 -0.47
C PRO A 110 -19.19 -3.69 -1.97
N MET A 111 -20.41 -3.31 -2.36
CA MET A 111 -20.85 -3.26 -3.74
C MET A 111 -21.06 -1.78 -3.96
N VAL A 112 -20.28 -1.17 -4.85
CA VAL A 112 -20.27 0.28 -5.04
C VAL A 112 -20.64 0.66 -6.45
N ARG A 113 -21.55 1.61 -6.64
CA ARG A 113 -21.94 2.06 -7.96
C ARG A 113 -20.82 2.89 -8.62
N ILE A 114 -20.52 2.58 -9.89
CA ILE A 114 -19.52 3.31 -10.69
C ILE A 114 -20.29 4.46 -11.35
N ASN A 115 -19.95 5.70 -11.01
CA ASN A 115 -20.69 6.86 -11.47
C ASN A 115 -20.14 7.63 -12.67
N LYS A 116 -18.84 7.63 -12.92
CA LYS A 116 -18.29 8.39 -14.04
C LYS A 116 -17.84 7.55 -15.22
N ILE A 117 -17.05 6.48 -14.96
CA ILE A 117 -16.46 5.65 -16.01
C ILE A 117 -17.48 5.03 -16.96
N GLY A 118 -18.56 4.45 -16.43
CA GLY A 118 -19.59 3.84 -17.26
C GLY A 118 -20.21 4.84 -18.22
N LYS A 119 -20.60 5.99 -17.69
CA LYS A 119 -21.21 7.04 -18.51
C LYS A 119 -20.25 7.58 -19.55
N LYS A 120 -18.97 7.73 -19.19
CA LYS A 120 -17.91 8.21 -20.10
C LYS A 120 -17.77 7.30 -21.32
N PHE A 121 -18.01 5.99 -21.16
CA PHE A 121 -17.91 5.07 -22.28
C PHE A 121 -19.27 4.73 -22.93
N GLY A 122 -20.32 5.44 -22.57
CA GLY A 122 -21.64 5.27 -23.18
C GLY A 122 -22.54 4.16 -22.66
N LEU A 123 -22.22 3.56 -21.49
CA LEU A 123 -23.09 2.53 -20.93
C LEU A 123 -24.42 3.14 -20.50
N LYS A 124 -25.53 2.41 -20.74
CA LYS A 124 -26.87 2.84 -20.33
C LYS A 124 -27.29 2.19 -19.01
N CYS A 125 -26.76 1.00 -18.74
CA CYS A 125 -27.03 0.21 -17.55
C CYS A 125 -26.35 0.79 -16.30
N GLU A 126 -26.71 0.25 -15.14
CA GLU A 126 -26.07 0.56 -13.89
C GLU A 126 -24.81 -0.32 -13.86
N LEU A 127 -23.67 0.25 -13.45
CA LEU A 127 -22.42 -0.51 -13.38
C LEU A 127 -21.99 -0.52 -11.92
N LEU A 128 -21.86 -1.70 -11.33
CA LEU A 128 -21.53 -1.85 -9.92
C LEU A 128 -20.22 -2.57 -9.75
N ALA A 129 -19.47 -2.22 -8.72
CA ALA A 129 -18.18 -2.84 -8.45
C ALA A 129 -18.17 -3.57 -7.11
N LYS A 130 -17.81 -4.85 -7.12
CA LYS A 130 -17.70 -5.67 -5.92
C LYS A 130 -16.26 -5.49 -5.50
N CYS A 131 -16.02 -4.72 -4.44
CA CYS A 131 -14.69 -4.32 -4.00
C CYS A 131 -14.05 -5.27 -3.00
N GLU A 132 -13.34 -6.27 -3.53
CA GLU A 132 -12.65 -7.28 -2.72
C GLU A 132 -11.38 -6.80 -2.03
N PHE A 133 -10.89 -5.61 -2.37
CA PHE A 133 -9.67 -5.08 -1.76
C PHE A 133 -9.86 -4.62 -0.29
N PHE A 134 -11.08 -4.68 0.23
CA PHE A 134 -11.36 -4.36 1.62
C PHE A 134 -11.16 -5.55 2.58
N ASN A 135 -10.81 -6.73 2.07
CA ASN A 135 -10.54 -7.89 2.92
C ASN A 135 -9.24 -7.66 3.73
N ALA A 136 -9.06 -8.37 4.84
CA ALA A 136 -7.92 -8.21 5.76
C ALA A 136 -6.53 -8.10 5.09
N GLY A 137 -6.27 -8.93 4.10
CA GLY A 137 -5.00 -8.93 3.38
C GLY A 137 -4.95 -8.02 2.17
N GLY A 138 -6.09 -7.46 1.79
CA GLY A 138 -6.17 -6.54 0.66
C GLY A 138 -6.67 -7.14 -0.64
N SER A 139 -7.18 -8.39 -0.62
CA SER A 139 -7.65 -9.00 -1.88
C SER A 139 -8.74 -10.06 -1.73
N VAL A 140 -9.33 -10.44 -2.88
CA VAL A 140 -10.31 -11.50 -3.00
C VAL A 140 -9.76 -12.83 -2.47
N LYS A 141 -8.44 -13.06 -2.63
CA LYS A 141 -7.79 -14.30 -2.23
C LYS A 141 -7.79 -14.58 -0.75
N ASP A 142 -8.06 -13.58 0.07
CA ASP A 142 -8.19 -13.81 1.51
C ASP A 142 -9.34 -14.78 1.80
N ARG A 143 -10.38 -14.80 0.93
CA ARG A 143 -11.50 -15.72 1.08
C ARG A 143 -11.04 -17.16 0.90
N ILE A 144 -10.24 -17.44 -0.16
CA ILE A 144 -9.82 -18.80 -0.46
C ILE A 144 -8.71 -19.28 0.45
N SER A 145 -7.86 -18.37 0.93
CA SER A 145 -6.80 -18.71 1.85
C SER A 145 -7.40 -19.21 3.16
N LEU A 146 -8.39 -18.48 3.69
CA LEU A 146 -9.04 -18.87 4.91
C LEU A 146 -9.83 -20.15 4.72
N ARG A 147 -10.60 -20.26 3.63
CA ARG A 147 -11.40 -21.46 3.42
C ARG A 147 -10.58 -22.73 3.20
N MET A 148 -9.46 -22.63 2.46
CA MET A 148 -8.59 -23.79 2.25
C MET A 148 -8.00 -24.25 3.58
N ILE A 149 -7.59 -23.31 4.43
CA ILE A 149 -7.07 -23.65 5.76
C ILE A 149 -8.16 -24.25 6.64
N GLU A 150 -9.33 -23.61 6.72
CA GLU A 150 -10.43 -24.09 7.57
C GLU A 150 -10.86 -25.48 7.21
N ASP A 151 -11.01 -25.76 5.92
CA ASP A 151 -11.43 -27.07 5.46
C ASP A 151 -10.37 -28.11 5.75
N ALA A 152 -9.10 -27.79 5.51
CA ALA A 152 -7.99 -28.72 5.78
C ALA A 152 -7.85 -29.02 7.27
N GLU A 153 -8.15 -28.05 8.14
CA GLU A 153 -8.09 -28.27 9.57
C GLU A 153 -9.24 -29.19 10.00
N ARG A 154 -10.43 -28.94 9.47
CA ARG A 154 -11.62 -29.71 9.81
C ARG A 154 -11.58 -31.12 9.27
N ASP A 155 -10.95 -31.34 8.10
CA ASP A 155 -10.83 -32.69 7.58
C ASP A 155 -9.57 -33.46 8.11
N GLY A 156 -8.84 -32.85 9.04
CA GLY A 156 -7.70 -33.46 9.70
C GLY A 156 -6.37 -33.48 8.97
N THR A 157 -6.31 -32.90 7.76
CA THR A 157 -5.05 -32.91 7.01
C THR A 157 -4.05 -31.91 7.57
N LEU A 158 -4.51 -30.75 8.01
CA LEU A 158 -3.64 -29.72 8.56
C LEU A 158 -3.66 -29.77 10.09
N LYS A 159 -2.51 -30.08 10.70
CA LYS A 159 -2.35 -30.20 12.15
C LYS A 159 -1.67 -28.96 12.73
N PRO A 160 -1.84 -28.66 14.03
CA PRO A 160 -1.15 -27.49 14.61
C PRO A 160 0.37 -27.52 14.39
N GLY A 161 0.91 -26.39 13.94
CA GLY A 161 2.34 -26.25 13.68
C GLY A 161 2.86 -26.87 12.39
N ASP A 162 1.97 -27.34 11.49
CA ASP A 162 2.41 -27.89 10.20
C ASP A 162 2.93 -26.80 9.25
N THR A 163 3.49 -27.19 8.10
CA THR A 163 3.99 -26.23 7.13
C THR A 163 3.07 -26.12 5.92
N ILE A 164 2.77 -24.89 5.50
CA ILE A 164 1.95 -24.60 4.34
C ILE A 164 2.87 -24.10 3.23
N ILE A 165 2.83 -24.77 2.08
CA ILE A 165 3.62 -24.37 0.93
C ILE A 165 2.65 -24.08 -0.20
N GLU A 166 2.75 -22.90 -0.82
CA GLU A 166 1.82 -22.58 -1.90
C GLU A 166 2.39 -21.86 -3.09
N PRO A 167 2.14 -22.41 -4.29
CA PRO A 167 2.53 -21.69 -5.51
C PRO A 167 1.51 -20.58 -5.73
N THR A 168 1.97 -19.34 -5.82
CA THR A 168 1.05 -18.21 -5.91
C THR A 168 1.60 -17.06 -6.73
N SER A 169 0.69 -16.27 -7.29
CA SER A 169 1.01 -15.03 -7.98
C SER A 169 1.20 -13.87 -6.95
N GLY A 170 0.93 -14.12 -5.68
CA GLY A 170 1.11 -13.14 -4.62
C GLY A 170 -0.03 -13.03 -3.65
N ASN A 171 -1.26 -12.81 -4.15
CA ASN A 171 -2.41 -12.55 -3.28
C ASN A 171 -2.86 -13.74 -2.45
N THR A 172 -2.81 -14.96 -3.00
CA THR A 172 -3.13 -16.14 -2.21
C THR A 172 -2.04 -16.34 -1.14
N GLY A 173 -0.78 -16.08 -1.50
CA GLY A 173 0.34 -16.16 -0.60
C GLY A 173 0.19 -15.19 0.55
N ILE A 174 -0.27 -13.96 0.28
CA ILE A 174 -0.49 -12.96 1.32
C ILE A 174 -1.60 -13.43 2.26
N GLY A 175 -2.69 -13.92 1.70
CA GLY A 175 -3.80 -14.43 2.49
C GLY A 175 -3.40 -15.59 3.38
N LEU A 176 -2.62 -16.52 2.84
CA LEU A 176 -2.17 -17.68 3.58
C LEU A 176 -1.16 -17.29 4.62
N ALA A 177 -0.26 -16.34 4.31
CA ALA A 177 0.76 -15.89 5.26
C ALA A 177 0.12 -15.18 6.44
N LEU A 178 -0.94 -14.42 6.18
CA LEU A 178 -1.67 -13.71 7.22
C LEU A 178 -2.33 -14.74 8.15
N ALA A 179 -3.02 -15.72 7.59
CA ALA A 179 -3.66 -16.78 8.38
C ALA A 179 -2.62 -17.61 9.13
N ALA A 180 -1.45 -17.85 8.53
CA ALA A 180 -0.39 -18.62 9.15
C ALA A 180 0.26 -17.83 10.30
N ALA A 181 0.35 -16.50 10.16
CA ALA A 181 0.89 -15.67 11.22
C ALA A 181 -0.04 -15.71 12.43
N VAL A 182 -1.36 -15.66 12.19
CA VAL A 182 -2.35 -15.69 13.25
C VAL A 182 -2.45 -17.07 13.90
N ARG A 183 -2.60 -18.13 13.10
CA ARG A 183 -2.80 -19.50 13.58
C ARG A 183 -1.53 -20.23 14.00
N GLY A 184 -0.36 -19.71 13.67
CA GLY A 184 0.90 -20.34 14.05
C GLY A 184 1.41 -21.45 13.14
N TYR A 185 1.29 -21.28 11.83
CA TYR A 185 1.81 -22.25 10.86
C TYR A 185 3.04 -21.68 10.16
N ARG A 186 3.99 -22.54 9.76
CA ARG A 186 5.13 -22.10 8.96
C ARG A 186 4.58 -21.92 7.54
N CYS A 187 4.93 -20.81 6.87
CA CYS A 187 4.40 -20.51 5.55
C CYS A 187 5.50 -20.25 4.53
N ILE A 188 5.50 -21.02 3.43
CA ILE A 188 6.46 -20.90 2.33
C ILE A 188 5.71 -20.59 1.06
N ILE A 189 6.07 -19.48 0.43
CA ILE A 189 5.44 -18.98 -0.78
C ILE A 189 6.38 -19.16 -1.96
N VAL A 190 5.86 -19.67 -3.08
CA VAL A 190 6.65 -19.81 -4.29
C VAL A 190 5.97 -18.91 -5.32
N MET A 191 6.66 -17.85 -5.72
CA MET A 191 6.08 -16.81 -6.56
C MET A 191 6.90 -16.45 -7.79
N PRO A 192 6.27 -16.32 -8.98
CA PRO A 192 7.05 -15.95 -10.19
C PRO A 192 7.80 -14.61 -10.05
N GLU A 193 8.95 -14.49 -10.74
CA GLU A 193 9.84 -13.34 -10.69
C GLU A 193 9.21 -12.01 -11.08
N LYS A 194 8.16 -12.02 -11.92
CA LYS A 194 7.51 -10.80 -12.38
C LYS A 194 6.71 -10.10 -11.29
N MET A 195 6.21 -10.85 -10.30
CA MET A 195 5.35 -10.26 -9.27
C MET A 195 6.05 -9.13 -8.48
N SER A 196 5.28 -8.12 -8.11
CA SER A 196 5.81 -6.91 -7.48
C SER A 196 6.60 -7.13 -6.21
N SER A 197 7.56 -6.25 -5.98
CA SER A 197 8.34 -6.30 -4.76
C SER A 197 7.49 -5.90 -3.54
N GLU A 198 6.36 -5.17 -3.75
CA GLU A 198 5.42 -4.78 -2.69
C GLU A 198 4.81 -6.04 -2.07
N LYS A 199 4.53 -7.05 -2.90
CA LYS A 199 4.00 -8.33 -2.42
C LYS A 199 5.05 -9.00 -1.55
N VAL A 200 6.32 -9.00 -1.98
CA VAL A 200 7.44 -9.57 -1.25
C VAL A 200 7.56 -8.89 0.12
N ASP A 201 7.45 -7.56 0.16
CA ASP A 201 7.62 -6.82 1.40
C ASP A 201 6.52 -7.14 2.43
N VAL A 202 5.28 -7.32 1.97
CA VAL A 202 4.19 -7.68 2.87
C VAL A 202 4.38 -9.12 3.32
N LEU A 203 4.75 -10.03 2.41
CA LEU A 203 4.99 -11.43 2.75
C LEU A 203 6.08 -11.56 3.81
N ARG A 204 7.19 -10.81 3.65
CA ARG A 204 8.31 -10.81 4.59
C ARG A 204 7.83 -10.36 5.95
N ALA A 205 7.04 -9.26 6.00
CA ALA A 205 6.53 -8.72 7.25
C ALA A 205 5.60 -9.68 7.96
N LEU A 206 4.87 -10.51 7.22
CA LEU A 206 3.99 -11.51 7.81
C LEU A 206 4.72 -12.76 8.31
N GLY A 207 5.99 -12.91 7.94
CA GLY A 207 6.79 -14.04 8.39
C GLY A 207 6.92 -15.17 7.39
N ALA A 208 6.42 -14.98 6.16
CA ALA A 208 6.49 -16.02 5.14
C ALA A 208 7.89 -16.13 4.54
N GLU A 209 8.27 -17.36 4.17
CA GLU A 209 9.53 -17.63 3.49
C GLU A 209 9.23 -17.53 1.99
N ILE A 210 10.12 -16.85 1.25
CA ILE A 210 9.87 -16.56 -0.15
C ILE A 210 10.86 -17.19 -1.11
N VAL A 211 10.31 -17.89 -2.09
CA VAL A 211 11.06 -18.53 -3.16
C VAL A 211 10.51 -17.97 -4.48
N ARG A 212 11.37 -17.72 -5.46
CA ARG A 212 10.94 -17.20 -6.75
C ARG A 212 11.22 -18.16 -7.89
N THR A 213 10.43 -18.06 -8.95
CA THR A 213 10.56 -18.90 -10.13
C THR A 213 10.56 -18.06 -11.40
N PRO A 214 11.22 -18.52 -12.48
CA PRO A 214 11.23 -17.72 -13.71
C PRO A 214 9.84 -17.46 -14.26
N THR A 215 9.61 -16.23 -14.71
CA THR A 215 8.32 -15.84 -15.26
C THR A 215 8.02 -16.64 -16.53
N ASN A 216 9.05 -16.91 -17.35
CA ASN A 216 8.90 -17.68 -18.57
C ASN A 216 9.11 -19.21 -18.40
N ALA A 217 8.90 -19.75 -17.18
CA ALA A 217 9.02 -21.19 -16.98
C ALA A 217 7.68 -21.80 -17.28
N ARG A 218 7.63 -22.81 -18.18
CA ARG A 218 6.36 -23.48 -18.47
C ARG A 218 5.88 -24.21 -17.23
N PHE A 219 4.58 -24.17 -16.95
CA PHE A 219 4.00 -24.76 -15.73
C PHE A 219 4.46 -26.20 -15.42
N ASP A 220 4.67 -27.02 -16.46
CA ASP A 220 5.08 -28.40 -16.28
C ASP A 220 6.61 -28.62 -16.20
N SER A 221 7.40 -27.53 -16.24
CA SER A 221 8.85 -27.63 -16.09
C SER A 221 9.15 -27.62 -14.59
N PRO A 222 10.27 -28.22 -14.15
CA PRO A 222 10.54 -28.25 -12.71
C PRO A 222 10.72 -26.88 -12.07
N GLU A 223 11.04 -25.85 -12.87
CA GLU A 223 11.31 -24.52 -12.35
C GLU A 223 10.08 -23.63 -12.25
N SER A 224 8.88 -24.10 -12.61
CA SER A 224 7.67 -23.28 -12.48
C SER A 224 7.31 -23.12 -10.99
N HIS A 225 6.44 -22.16 -10.66
CA HIS A 225 6.02 -21.98 -9.27
C HIS A 225 5.34 -23.23 -8.70
N VAL A 226 4.56 -23.95 -9.52
CA VAL A 226 3.92 -25.18 -9.08
C VAL A 226 4.96 -26.33 -8.95
N GLY A 227 5.90 -26.42 -9.87
CA GLY A 227 6.93 -27.44 -9.82
C GLY A 227 7.83 -27.28 -8.60
N VAL A 228 8.25 -26.06 -8.32
CA VAL A 228 9.11 -25.77 -7.18
C VAL A 228 8.39 -26.02 -5.86
N ALA A 229 7.10 -25.64 -5.76
CA ALA A 229 6.33 -25.88 -4.53
C ALA A 229 6.28 -27.38 -4.19
N TRP A 230 6.04 -28.23 -5.21
CA TRP A 230 6.02 -29.67 -4.99
C TRP A 230 7.37 -30.22 -4.60
N ARG A 231 8.46 -29.72 -5.22
CA ARG A 231 9.82 -30.16 -4.90
C ARG A 231 10.19 -29.77 -3.47
N LEU A 232 9.72 -28.62 -2.99
CA LEU A 232 10.01 -28.19 -1.63
C LEU A 232 9.27 -29.08 -0.66
N LYS A 233 7.99 -29.34 -0.92
CA LYS A 233 7.15 -30.17 -0.06
C LYS A 233 7.75 -31.56 0.16
N ASN A 234 8.30 -32.15 -0.90
CA ASN A 234 8.92 -33.47 -0.82
C ASN A 234 10.17 -33.50 0.08
N GLU A 235 10.78 -32.33 0.37
CA GLU A 235 11.94 -32.25 1.25
C GLU A 235 11.61 -31.76 2.68
N ILE A 236 10.37 -31.32 2.92
CA ILE A 236 9.98 -30.82 4.23
C ILE A 236 8.91 -31.70 4.88
N PRO A 237 9.24 -32.32 6.02
CA PRO A 237 8.25 -33.17 6.70
C PRO A 237 7.12 -32.35 7.29
N ASN A 238 5.90 -32.92 7.30
CA ASN A 238 4.70 -32.27 7.81
C ASN A 238 4.34 -31.00 7.06
N SER A 239 4.62 -30.97 5.76
CA SER A 239 4.27 -29.84 4.91
C SER A 239 3.11 -30.22 4.00
N HIS A 240 2.30 -29.23 3.61
CA HIS A 240 1.15 -29.47 2.77
C HIS A 240 1.00 -28.39 1.74
N ILE A 241 0.58 -28.76 0.53
CA ILE A 241 0.26 -27.79 -0.48
C ILE A 241 -1.26 -27.84 -0.56
N LEU A 242 -1.91 -26.76 -0.10
CA LEU A 242 -3.38 -26.67 -0.16
C LEU A 242 -3.85 -26.67 -1.62
N ASP A 243 -3.05 -26.12 -2.54
CA ASP A 243 -3.22 -26.15 -3.98
C ASP A 243 -4.48 -25.48 -4.47
N GLN A 244 -4.40 -24.18 -4.65
CA GLN A 244 -5.52 -23.38 -5.15
C GLN A 244 -5.95 -23.76 -6.57
N TYR A 245 -5.09 -24.43 -7.35
CA TYR A 245 -5.43 -24.83 -8.71
C TYR A 245 -6.35 -26.03 -8.80
N ARG A 246 -6.36 -26.88 -7.76
CA ARG A 246 -7.17 -28.11 -7.74
C ARG A 246 -8.13 -28.21 -6.56
N ASN A 247 -7.91 -27.43 -5.50
CA ASN A 247 -8.70 -27.50 -4.28
C ASN A 247 -10.10 -26.95 -4.46
N ALA A 248 -11.11 -27.78 -4.22
CA ALA A 248 -12.52 -27.35 -4.31
C ALA A 248 -12.82 -26.19 -3.38
N SER A 249 -12.09 -26.07 -2.26
CA SER A 249 -12.25 -24.98 -1.30
C SER A 249 -12.08 -23.61 -1.95
N ASN A 250 -11.37 -23.52 -3.08
CA ASN A 250 -11.19 -22.26 -3.79
C ASN A 250 -12.53 -21.84 -4.45
N PRO A 251 -13.07 -22.55 -5.47
CA PRO A 251 -14.34 -22.13 -6.05
C PRO A 251 -15.50 -22.21 -5.06
N LEU A 252 -15.44 -23.13 -4.07
CA LEU A 252 -16.51 -23.25 -3.06
C LEU A 252 -16.60 -22.03 -2.17
N ALA A 253 -15.48 -21.36 -1.90
CA ALA A 253 -15.50 -20.13 -1.08
C ALA A 253 -16.35 -19.06 -1.79
N HIS A 254 -16.20 -18.98 -3.11
CA HIS A 254 -16.91 -18.03 -3.94
C HIS A 254 -18.35 -18.44 -4.18
N TYR A 255 -18.60 -19.71 -4.32
CA TYR A 255 -19.96 -20.24 -4.52
C TYR A 255 -20.79 -20.01 -3.25
N ASP A 256 -20.22 -20.31 -2.08
CA ASP A 256 -20.91 -20.20 -0.80
C ASP A 256 -21.06 -18.79 -0.27
N THR A 257 -20.00 -17.97 -0.41
CA THR A 257 -20.02 -16.64 0.20
C THR A 257 -20.08 -15.51 -0.82
N THR A 258 -19.05 -15.32 -1.67
CA THR A 258 -18.99 -14.21 -2.63
C THR A 258 -20.27 -14.08 -3.46
N ALA A 259 -20.72 -15.19 -4.06
CA ALA A 259 -21.90 -15.22 -4.89
C ALA A 259 -23.16 -14.88 -4.10
N ASP A 260 -23.31 -15.41 -2.87
CA ASP A 260 -24.48 -15.09 -2.06
C ASP A 260 -24.50 -13.61 -1.69
N GLU A 261 -23.32 -13.01 -1.46
CA GLU A 261 -23.23 -11.60 -1.14
C GLU A 261 -23.69 -10.78 -2.34
N ILE A 262 -23.23 -11.11 -3.55
CA ILE A 262 -23.62 -10.41 -4.77
C ILE A 262 -25.13 -10.45 -4.95
N LEU A 263 -25.74 -11.60 -4.70
CA LEU A 263 -27.18 -11.77 -4.80
C LEU A 263 -27.92 -10.98 -3.72
N GLN A 264 -27.46 -11.01 -2.45
CA GLN A 264 -28.08 -10.23 -1.37
C GLN A 264 -28.05 -8.76 -1.73
N GLN A 265 -26.86 -8.28 -2.14
CA GLN A 265 -26.61 -6.90 -2.51
C GLN A 265 -27.42 -6.44 -3.74
N CYS A 266 -27.69 -7.34 -4.70
CA CYS A 266 -28.46 -6.96 -5.89
C CYS A 266 -29.94 -7.33 -5.81
N ASP A 267 -30.42 -7.79 -4.64
CA ASP A 267 -31.79 -8.27 -4.50
C ASP A 267 -32.10 -9.42 -5.48
N GLY A 268 -31.07 -10.21 -5.81
CA GLY A 268 -31.16 -11.30 -6.76
C GLY A 268 -31.32 -10.91 -8.21
N LYS A 269 -31.17 -9.61 -8.51
CA LYS A 269 -31.37 -9.08 -9.85
C LYS A 269 -30.14 -8.38 -10.42
N LEU A 270 -29.46 -9.05 -11.36
CA LEU A 270 -28.32 -8.53 -12.11
C LEU A 270 -28.30 -9.19 -13.49
N ASP A 271 -27.84 -8.47 -14.49
CA ASP A 271 -27.89 -8.94 -15.87
C ASP A 271 -26.56 -9.42 -16.42
N MET A 272 -25.44 -8.98 -15.84
CA MET A 272 -24.12 -9.37 -16.33
C MET A 272 -23.11 -9.35 -15.21
N LEU A 273 -22.21 -10.31 -15.20
CA LEU A 273 -21.13 -10.34 -14.24
C LEU A 273 -19.85 -10.45 -15.02
N VAL A 274 -18.91 -9.53 -14.79
CA VAL A 274 -17.62 -9.54 -15.47
C VAL A 274 -16.53 -9.84 -14.43
N ALA A 275 -15.72 -10.86 -14.68
CA ALA A 275 -14.66 -11.24 -13.76
C ALA A 275 -13.40 -11.65 -14.48
N SER A 276 -12.24 -11.18 -13.99
CA SER A 276 -10.96 -11.57 -14.56
C SER A 276 -10.60 -12.95 -14.03
N VAL A 277 -9.79 -13.69 -14.78
CA VAL A 277 -9.51 -15.07 -14.47
C VAL A 277 -8.04 -15.40 -14.27
N GLY A 278 -7.75 -16.06 -13.16
CA GLY A 278 -6.43 -16.58 -12.83
C GLY A 278 -6.61 -18.07 -12.60
N THR A 279 -6.80 -18.48 -11.33
CA THR A 279 -7.12 -19.88 -11.05
C THR A 279 -8.48 -20.28 -11.62
N GLY A 280 -9.40 -19.32 -11.74
CA GLY A 280 -10.76 -19.55 -12.20
C GLY A 280 -11.76 -19.79 -11.08
N GLY A 281 -11.28 -19.83 -9.83
CA GLY A 281 -12.12 -20.06 -8.66
C GLY A 281 -13.20 -19.03 -8.47
N THR A 282 -12.86 -17.75 -8.69
CA THR A 282 -13.81 -16.65 -8.54
C THR A 282 -14.94 -16.76 -9.56
N ILE A 283 -14.61 -16.77 -10.86
CA ILE A 283 -15.62 -16.87 -11.90
C ILE A 283 -16.40 -18.19 -11.84
N THR A 284 -15.75 -19.31 -11.48
CA THR A 284 -16.43 -20.61 -11.44
C THR A 284 -17.40 -20.67 -10.28
N GLY A 285 -16.95 -20.26 -9.10
CA GLY A 285 -17.79 -20.28 -7.90
C GLY A 285 -19.00 -19.38 -8.05
N ILE A 286 -18.76 -18.14 -8.50
CA ILE A 286 -19.83 -17.18 -8.70
C ILE A 286 -20.76 -17.66 -9.81
N ALA A 287 -20.23 -18.04 -10.97
CA ALA A 287 -21.06 -18.47 -12.08
C ALA A 287 -21.91 -19.72 -11.79
N ARG A 288 -21.38 -20.71 -11.06
CA ARG A 288 -22.18 -21.89 -10.70
C ARG A 288 -23.37 -21.49 -9.83
N LYS A 289 -23.18 -20.57 -8.87
CA LYS A 289 -24.26 -20.11 -8.01
C LYS A 289 -25.22 -19.20 -8.78
N LEU A 290 -24.69 -18.28 -9.59
CA LEU A 290 -25.54 -17.37 -10.36
C LEU A 290 -26.36 -18.11 -11.40
N LYS A 291 -25.77 -19.08 -12.12
CA LYS A 291 -26.54 -19.89 -13.08
C LYS A 291 -27.70 -20.62 -12.39
N GLU A 292 -27.55 -20.93 -11.10
CA GLU A 292 -28.59 -21.57 -10.33
C GLU A 292 -29.64 -20.61 -9.82
N LYS A 293 -29.26 -19.42 -9.33
CA LYS A 293 -30.21 -18.51 -8.71
C LYS A 293 -30.59 -17.25 -9.51
N CYS A 294 -29.86 -16.94 -10.54
CA CYS A 294 -30.07 -15.79 -11.43
C CYS A 294 -29.65 -16.24 -12.83
N PRO A 295 -30.42 -17.17 -13.43
CA PRO A 295 -29.99 -17.76 -14.70
C PRO A 295 -29.89 -16.82 -15.90
N GLY A 296 -30.59 -15.69 -15.82
CA GLY A 296 -30.51 -14.69 -16.88
C GLY A 296 -29.21 -13.92 -16.91
N CYS A 297 -28.38 -14.05 -15.87
CA CYS A 297 -27.12 -13.34 -15.79
C CYS A 297 -26.05 -13.86 -16.75
N ARG A 298 -25.51 -12.96 -17.58
CA ARG A 298 -24.44 -13.30 -18.52
C ARG A 298 -23.10 -13.29 -17.80
N ILE A 299 -22.35 -14.38 -17.87
CA ILE A 299 -21.03 -14.51 -17.25
C ILE A 299 -19.95 -14.16 -18.26
N ILE A 300 -19.20 -13.08 -18.02
CA ILE A 300 -18.14 -12.61 -18.91
C ILE A 300 -16.77 -12.85 -18.27
N GLY A 301 -15.90 -13.58 -18.95
CA GLY A 301 -14.56 -13.87 -18.46
C GLY A 301 -13.51 -12.98 -19.09
N VAL A 302 -12.56 -12.48 -18.27
CA VAL A 302 -11.48 -11.61 -18.74
C VAL A 302 -10.16 -12.33 -18.67
N ASP A 303 -9.44 -12.41 -19.80
CA ASP A 303 -8.18 -13.11 -19.88
C ASP A 303 -7.17 -12.21 -20.58
N PRO A 304 -5.95 -12.06 -20.02
CA PRO A 304 -4.96 -11.20 -20.68
C PRO A 304 -4.40 -11.83 -21.95
N GLU A 305 -3.94 -10.99 -22.90
CA GLU A 305 -3.28 -11.46 -24.12
C GLU A 305 -1.97 -12.08 -23.67
N GLY A 306 -1.73 -13.29 -24.10
CA GLY A 306 -0.59 -14.07 -23.63
C GLY A 306 -1.03 -15.31 -22.88
N SER A 307 -2.27 -15.31 -22.35
CA SER A 307 -2.84 -16.46 -21.66
C SER A 307 -3.64 -17.34 -22.63
N ILE A 308 -3.90 -18.59 -22.23
CA ILE A 308 -4.67 -19.56 -23.03
C ILE A 308 -6.03 -19.93 -22.40
N LEU A 309 -6.47 -19.23 -21.35
CA LEU A 309 -7.73 -19.55 -20.70
C LEU A 309 -8.98 -19.31 -21.54
N ALA A 310 -8.99 -18.26 -22.35
CA ALA A 310 -10.14 -17.88 -23.13
C ALA A 310 -10.57 -18.89 -24.20
N GLU A 311 -11.87 -18.89 -24.50
CA GLU A 311 -12.48 -19.68 -25.55
C GLU A 311 -13.29 -18.71 -26.44
N PRO A 312 -13.37 -18.97 -27.75
CA PRO A 312 -12.70 -20.05 -28.48
C PRO A 312 -11.18 -19.85 -28.53
N GLU A 313 -10.44 -20.93 -28.85
CA GLU A 313 -8.97 -20.84 -28.92
C GLU A 313 -8.49 -19.74 -29.87
N GLU A 314 -9.31 -19.35 -30.87
CA GLU A 314 -8.99 -18.31 -31.83
C GLU A 314 -8.62 -16.99 -31.18
N LEU A 315 -9.22 -16.67 -30.02
CA LEU A 315 -8.92 -15.44 -29.27
C LEU A 315 -7.49 -15.42 -28.72
N ASN A 316 -6.93 -16.60 -28.45
CA ASN A 316 -5.62 -16.75 -27.84
C ASN A 316 -4.44 -16.69 -28.80
N GLN A 317 -4.69 -16.62 -30.12
CA GLN A 317 -3.60 -16.59 -31.08
C GLN A 317 -2.92 -15.22 -31.13
N THR A 318 -2.10 -14.96 -30.11
CA THR A 318 -1.30 -13.76 -29.83
C THR A 318 0.18 -14.07 -30.13
N GLU A 319 0.96 -13.01 -30.36
CA GLU A 319 2.39 -13.17 -30.65
C GLU A 319 3.16 -13.49 -29.35
N GLN A 320 3.10 -12.55 -28.36
CA GLN A 320 3.80 -12.71 -27.09
C GLN A 320 3.00 -13.49 -26.04
N THR A 321 3.70 -14.00 -25.03
CA THR A 321 3.12 -14.73 -23.90
C THR A 321 3.45 -14.08 -22.53
N THR A 322 4.13 -12.90 -22.53
CA THR A 322 4.46 -12.18 -21.30
C THR A 322 3.66 -10.90 -21.17
N TYR A 323 3.31 -10.54 -19.95
CA TYR A 323 2.54 -9.33 -19.68
C TYR A 323 2.73 -8.87 -18.24
N GLU A 324 2.53 -7.58 -18.02
CA GLU A 324 2.74 -6.92 -16.75
C GLU A 324 1.62 -7.05 -15.75
N VAL A 325 0.36 -7.23 -16.19
CA VAL A 325 -0.75 -7.38 -15.25
C VAL A 325 -0.55 -8.62 -14.38
N GLU A 326 -0.81 -8.51 -13.07
CA GLU A 326 -0.56 -9.63 -12.15
C GLU A 326 -1.80 -10.29 -11.58
N GLY A 327 -1.79 -11.61 -11.55
CA GLY A 327 -2.86 -12.39 -10.96
C GLY A 327 -3.79 -13.09 -11.94
N ILE A 328 -3.79 -12.64 -13.20
CA ILE A 328 -4.67 -13.21 -14.21
C ILE A 328 -3.90 -13.88 -15.35
N GLY A 329 -4.55 -14.86 -15.97
CA GLY A 329 -4.01 -15.61 -17.09
C GLY A 329 -3.00 -16.66 -16.70
N TYR A 330 -2.98 -17.77 -17.47
CA TYR A 330 -2.06 -18.89 -17.27
C TYR A 330 -1.76 -19.62 -18.59
N ASP A 331 -0.70 -20.42 -18.58
CA ASP A 331 -0.31 -21.28 -19.69
C ASP A 331 -0.92 -22.70 -19.58
N PHE A 332 -1.90 -22.89 -18.68
CA PHE A 332 -2.61 -24.15 -18.48
C PHE A 332 -4.03 -23.83 -18.00
N ILE A 333 -4.95 -24.81 -18.15
CA ILE A 333 -6.33 -24.64 -17.67
C ILE A 333 -6.43 -25.22 -16.27
N PRO A 334 -6.55 -24.39 -15.21
CA PRO A 334 -6.59 -24.95 -13.84
C PRO A 334 -7.76 -25.88 -13.64
N THR A 335 -7.57 -26.94 -12.84
CA THR A 335 -8.62 -27.92 -12.57
C THR A 335 -9.91 -27.27 -12.04
N VAL A 336 -9.76 -26.24 -11.19
CA VAL A 336 -10.90 -25.53 -10.59
C VAL A 336 -11.69 -24.63 -11.57
N LEU A 337 -11.11 -24.32 -12.74
CA LEU A 337 -11.80 -23.48 -13.71
C LEU A 337 -12.80 -24.28 -14.55
N ASP A 338 -14.08 -23.92 -14.47
CA ASP A 338 -15.09 -24.57 -15.30
C ASP A 338 -15.46 -23.58 -16.38
N ARG A 339 -14.90 -23.75 -17.58
CA ARG A 339 -15.19 -22.83 -18.67
C ARG A 339 -16.59 -22.97 -19.25
N THR A 340 -17.28 -24.09 -18.98
CA THR A 340 -18.64 -24.28 -19.48
C THR A 340 -19.63 -23.27 -18.91
N VAL A 341 -19.34 -22.70 -17.71
CA VAL A 341 -20.23 -21.73 -17.09
C VAL A 341 -19.90 -20.27 -17.50
N VAL A 342 -18.88 -20.04 -18.34
CA VAL A 342 -18.54 -18.72 -18.84
C VAL A 342 -19.28 -18.55 -20.18
N ASP A 343 -20.06 -17.47 -20.31
CA ASP A 343 -20.83 -17.23 -21.53
C ASP A 343 -20.03 -16.58 -22.63
N LYS A 344 -19.08 -15.71 -22.30
CA LYS A 344 -18.25 -15.06 -23.30
C LYS A 344 -16.94 -14.59 -22.72
N TRP A 345 -15.85 -14.70 -23.49
CA TRP A 345 -14.54 -14.24 -23.06
C TRP A 345 -14.11 -12.98 -23.80
N PHE A 346 -13.33 -12.14 -23.12
CA PHE A 346 -12.73 -10.96 -23.73
C PHE A 346 -11.26 -10.93 -23.42
N LYS A 347 -10.44 -10.60 -24.42
CA LYS A 347 -9.00 -10.50 -24.28
C LYS A 347 -8.64 -9.10 -23.88
N SER A 348 -7.94 -8.96 -22.76
CA SER A 348 -7.51 -7.65 -22.30
C SER A 348 -6.00 -7.48 -22.49
N ASN A 349 -5.52 -6.24 -22.51
CA ASN A 349 -4.08 -5.98 -22.61
C ASN A 349 -3.58 -5.12 -21.45
N ASP A 350 -2.25 -4.99 -21.31
CA ASP A 350 -1.64 -4.23 -20.24
C ASP A 350 -2.01 -2.74 -20.29
N GLU A 351 -1.89 -2.12 -21.47
CA GLU A 351 -2.14 -0.69 -21.59
C GLU A 351 -3.51 -0.28 -21.11
N GLU A 352 -4.54 -1.00 -21.54
CA GLU A 352 -5.89 -0.69 -21.11
C GLU A 352 -6.12 -1.04 -19.66
N ALA A 353 -5.48 -2.10 -19.15
CA ALA A 353 -5.63 -2.47 -17.74
C ALA A 353 -5.11 -1.35 -16.84
N PHE A 354 -3.94 -0.78 -17.15
CA PHE A 354 -3.37 0.27 -16.32
C PHE A 354 -4.04 1.62 -16.53
N THR A 355 -4.51 1.89 -17.76
CA THR A 355 -5.27 3.11 -18.06
C THR A 355 -6.56 3.09 -17.24
N PHE A 356 -7.24 1.92 -17.19
CA PHE A 356 -8.48 1.79 -16.43
C PHE A 356 -8.27 1.74 -14.92
N ALA A 357 -7.17 1.14 -14.43
CA ALA A 357 -6.92 1.12 -12.99
C ALA A 357 -6.65 2.55 -12.51
N ARG A 358 -5.91 3.34 -13.30
CA ARG A 358 -5.66 4.75 -12.98
C ARG A 358 -6.94 5.59 -13.04
N MET A 359 -7.82 5.26 -13.98
CA MET A 359 -9.11 5.92 -14.15
C MET A 359 -10.02 5.61 -12.96
N LEU A 360 -10.02 4.37 -12.47
CA LEU A 360 -10.80 3.97 -11.30
C LEU A 360 -10.35 4.75 -10.06
N ILE A 361 -9.05 5.00 -9.92
CA ILE A 361 -8.54 5.78 -8.82
C ILE A 361 -8.94 7.24 -9.00
N ALA A 362 -8.62 7.83 -10.14
CA ALA A 362 -8.83 9.24 -10.37
C ALA A 362 -10.25 9.68 -10.39
N GLN A 363 -11.13 8.87 -10.99
CA GLN A 363 -12.51 9.22 -11.18
C GLN A 363 -13.45 8.63 -10.15
N GLU A 364 -13.15 7.44 -9.63
CA GLU A 364 -14.04 6.79 -8.66
C GLU A 364 -13.51 6.73 -7.23
N GLY A 365 -12.24 7.03 -7.03
CA GLY A 365 -11.63 6.96 -5.71
C GLY A 365 -11.52 5.53 -5.22
N LEU A 366 -11.42 4.57 -6.16
CA LEU A 366 -11.30 3.15 -5.85
C LEU A 366 -9.82 2.81 -5.96
N LEU A 367 -9.18 2.63 -4.81
CA LEU A 367 -7.75 2.35 -4.73
C LEU A 367 -7.45 0.89 -4.97
N CYS A 368 -7.72 0.45 -6.20
CA CYS A 368 -7.62 -0.92 -6.65
C CYS A 368 -6.36 -1.21 -7.49
N GLY A 369 -6.17 -2.47 -7.86
CA GLY A 369 -5.02 -2.94 -8.62
C GLY A 369 -5.22 -3.10 -10.11
N GLY A 370 -4.23 -3.70 -10.76
CA GLY A 370 -4.18 -3.88 -12.20
C GLY A 370 -5.29 -4.70 -12.82
N SER A 371 -5.59 -5.89 -12.24
CA SER A 371 -6.63 -6.76 -12.77
C SER A 371 -8.01 -6.14 -12.63
N ALA A 372 -8.20 -5.23 -11.66
CA ALA A 372 -9.45 -4.50 -11.53
C ALA A 372 -9.65 -3.60 -12.77
N GLY A 373 -8.55 -3.04 -13.28
CA GLY A 373 -8.54 -2.23 -14.50
C GLY A 373 -8.83 -3.07 -15.72
N SER A 374 -8.28 -4.29 -15.78
CA SER A 374 -8.55 -5.21 -16.89
C SER A 374 -10.05 -5.52 -16.95
N THR A 375 -10.65 -5.76 -15.78
CA THR A 375 -12.06 -6.11 -15.65
C THR A 375 -12.98 -4.97 -16.11
N VAL A 376 -12.69 -3.74 -15.69
CA VAL A 376 -13.51 -2.60 -16.09
C VAL A 376 -13.28 -2.22 -17.54
N ALA A 377 -12.06 -2.42 -18.06
CA ALA A 377 -11.76 -2.16 -19.47
C ALA A 377 -12.65 -3.03 -20.36
N VAL A 378 -12.87 -4.29 -19.97
CA VAL A 378 -13.73 -5.21 -20.69
C VAL A 378 -15.19 -4.89 -20.44
N ALA A 379 -15.57 -4.62 -19.18
CA ALA A 379 -16.95 -4.33 -18.84
C ALA A 379 -17.59 -3.22 -19.68
N VAL A 380 -16.85 -2.12 -19.92
CA VAL A 380 -17.39 -1.02 -20.72
C VAL A 380 -17.62 -1.42 -22.20
N LYS A 381 -17.12 -2.58 -22.64
CA LYS A 381 -17.36 -3.12 -23.96
C LYS A 381 -18.51 -4.15 -23.86
N ALA A 382 -18.37 -5.15 -22.97
CA ALA A 382 -19.35 -6.22 -22.81
C ALA A 382 -20.77 -5.72 -22.47
N ALA A 383 -20.85 -4.73 -21.58
CA ALA A 383 -22.14 -4.18 -21.13
C ALA A 383 -22.78 -3.19 -22.08
N GLN A 384 -22.19 -2.94 -23.26
CA GLN A 384 -22.81 -2.05 -24.25
C GLN A 384 -24.17 -2.61 -24.71
N GLU A 385 -24.31 -3.96 -24.71
CA GLU A 385 -25.55 -4.62 -25.12
C GLU A 385 -26.72 -4.38 -24.15
N LEU A 386 -26.43 -3.98 -22.90
CA LEU A 386 -27.45 -3.74 -21.89
C LEU A 386 -28.14 -2.39 -22.05
N GLN A 387 -29.43 -2.33 -21.72
CA GLN A 387 -30.21 -1.11 -21.80
C GLN A 387 -30.33 -0.44 -20.43
N GLU A 388 -30.92 0.76 -20.39
CA GLU A 388 -31.17 1.51 -19.16
C GLU A 388 -32.06 0.67 -18.24
N GLY A 389 -31.71 0.59 -16.97
CA GLY A 389 -32.48 -0.24 -16.04
C GLY A 389 -31.86 -1.61 -15.80
N GLN A 390 -30.93 -2.03 -16.66
CA GLN A 390 -30.22 -3.29 -16.45
C GLN A 390 -28.99 -3.05 -15.55
N ARG A 391 -28.34 -4.12 -15.10
CA ARG A 391 -27.25 -4.02 -14.14
C ARG A 391 -26.07 -4.93 -14.45
N CYS A 392 -24.85 -4.37 -14.44
CA CYS A 392 -23.62 -5.12 -14.68
C CYS A 392 -22.77 -5.03 -13.41
N VAL A 393 -22.23 -6.15 -12.93
CA VAL A 393 -21.37 -6.19 -11.76
C VAL A 393 -19.97 -6.62 -12.15
N VAL A 394 -18.95 -5.87 -11.71
CA VAL A 394 -17.56 -6.20 -11.97
C VAL A 394 -16.88 -6.61 -10.67
N ILE A 395 -15.95 -7.55 -10.75
CA ILE A 395 -15.20 -7.96 -9.57
C ILE A 395 -13.87 -7.22 -9.60
N LEU A 396 -13.57 -6.47 -8.53
CA LEU A 396 -12.30 -5.73 -8.37
C LEU A 396 -11.48 -6.50 -7.36
N PRO A 397 -10.51 -7.31 -7.83
CA PRO A 397 -9.83 -8.26 -6.95
C PRO A 397 -8.85 -7.72 -5.89
N ASP A 398 -7.92 -6.77 -6.20
CA ASP A 398 -6.97 -6.37 -5.17
C ASP A 398 -6.74 -4.85 -5.06
N SER A 399 -5.81 -4.45 -4.19
CA SER A 399 -5.56 -3.07 -3.86
C SER A 399 -4.33 -2.48 -4.52
N VAL A 400 -4.27 -1.14 -4.57
CA VAL A 400 -3.17 -0.37 -5.14
C VAL A 400 -1.86 -0.59 -4.40
N ARG A 401 -1.91 -1.04 -3.12
CA ARG A 401 -0.74 -1.32 -2.28
C ARG A 401 0.27 -2.24 -2.99
N ASN A 402 -0.22 -3.22 -3.77
CA ASN A 402 0.68 -4.15 -4.46
C ASN A 402 1.42 -3.54 -5.65
N TYR A 403 1.06 -2.33 -6.09
CA TYR A 403 1.59 -1.75 -7.33
C TYR A 403 2.05 -0.31 -7.15
N MET A 404 2.49 0.05 -5.95
CA MET A 404 2.91 1.40 -5.60
C MET A 404 4.01 1.93 -6.52
N THR A 405 5.00 1.11 -6.80
CA THR A 405 6.10 1.51 -7.68
C THR A 405 5.93 0.99 -9.11
N LYS A 406 4.79 0.40 -9.44
CA LYS A 406 4.53 -0.10 -10.78
C LYS A 406 3.54 0.84 -11.49
N PHE A 407 2.30 0.42 -11.82
CA PHE A 407 1.40 1.29 -12.59
C PHE A 407 1.06 2.60 -11.90
N LEU A 408 1.18 2.67 -10.56
CA LEU A 408 0.92 3.92 -9.84
C LEU A 408 1.99 4.98 -10.15
N SER A 409 3.17 4.56 -10.59
CA SER A 409 4.27 5.44 -10.93
C SER A 409 4.27 5.82 -12.41
N ASP A 410 4.26 7.14 -12.70
CA ASP A 410 4.33 7.66 -14.05
C ASP A 410 5.67 7.30 -14.71
N ARG A 411 6.77 7.24 -13.93
CA ARG A 411 8.08 6.85 -14.43
C ARG A 411 8.02 5.41 -14.92
N TRP A 412 7.39 4.52 -14.16
CA TRP A 412 7.28 3.11 -14.53
C TRP A 412 6.42 2.98 -15.77
N MET A 413 5.30 3.70 -15.82
CA MET A 413 4.41 3.68 -16.97
C MET A 413 5.14 4.15 -18.24
N LEU A 414 5.94 5.23 -18.13
CA LEU A 414 6.72 5.78 -19.23
C LEU A 414 7.78 4.77 -19.70
N GLN A 415 8.60 4.28 -18.76
CA GLN A 415 9.62 3.27 -18.98
C GLN A 415 9.05 2.04 -19.71
N LYS A 416 7.82 1.63 -19.35
CA LYS A 416 7.17 0.49 -19.97
C LYS A 416 6.47 0.78 -21.30
N GLY A 417 6.31 2.05 -21.64
CA GLY A 417 5.66 2.44 -22.87
C GLY A 417 4.14 2.49 -22.80
N PHE A 418 3.56 2.35 -21.60
CA PHE A 418 2.11 2.42 -21.44
C PHE A 418 1.59 3.86 -21.39
N LEU A 419 2.51 4.83 -21.34
CA LEU A 419 2.24 6.24 -21.31
C LEU A 419 3.21 6.86 -22.30
N LYS A 420 2.69 7.71 -23.18
CA LYS A 420 3.51 8.39 -24.17
C LYS A 420 3.54 9.89 -23.89
N GLU A 421 4.72 10.51 -24.07
CA GLU A 421 4.93 11.96 -23.86
C GLU A 421 3.88 12.84 -24.55
N GLU A 422 3.26 12.33 -25.62
CA GLU A 422 2.21 13.01 -26.38
C GLU A 422 0.94 13.14 -25.52
N ASP A 423 0.43 12.01 -25.01
CA ASP A 423 -0.76 11.92 -24.15
C ASP A 423 -0.47 12.50 -22.75
N LEU A 424 0.81 12.45 -22.33
CA LEU A 424 1.34 13.03 -21.11
C LEU A 424 1.20 14.57 -21.23
N THR A 425 1.50 15.13 -22.43
CA THR A 425 1.34 16.55 -22.81
C THR A 425 -0.16 16.73 -23.29
N GLU A 426 -0.52 17.78 -24.07
CA GLU A 426 -1.89 18.06 -24.52
C GLU A 426 -2.70 18.52 -23.30
N LYS A 427 -2.99 17.59 -22.35
CA LYS A 427 -3.68 17.86 -21.08
C LYS A 427 -2.84 18.75 -20.13
N LYS A 428 -1.64 19.17 -20.55
CA LYS A 428 -0.79 20.02 -19.73
C LYS A 428 -1.21 21.49 -19.84
N PRO A 429 -1.11 22.25 -18.74
CA PRO A 429 -1.51 23.66 -18.77
C PRO A 429 -0.62 24.51 -19.66
N TRP A 430 -1.12 25.69 -20.05
CA TRP A 430 -0.41 26.59 -20.95
C TRP A 430 1.04 26.91 -20.54
N TRP A 431 1.29 27.02 -19.24
CA TRP A 431 2.62 27.39 -18.71
C TRP A 431 3.64 26.26 -18.61
N TRP A 432 3.19 25.03 -18.80
CA TRP A 432 4.01 23.83 -18.63
C TRP A 432 5.38 23.85 -19.29
N HIS A 433 5.45 24.36 -20.53
CA HIS A 433 6.71 24.35 -21.27
C HIS A 433 7.48 25.67 -21.25
N LEU A 434 7.03 26.65 -20.45
CA LEU A 434 7.78 27.88 -20.26
C LEU A 434 9.01 27.55 -19.42
N ARG A 435 10.05 28.37 -19.49
CA ARG A 435 11.26 28.13 -18.71
C ARG A 435 11.24 28.86 -17.37
N VAL A 436 12.04 28.37 -16.41
CA VAL A 436 12.20 28.96 -15.09
C VAL A 436 12.58 30.45 -15.20
N GLN A 437 13.44 30.78 -16.17
CA GLN A 437 13.90 32.15 -16.44
C GLN A 437 12.74 33.14 -16.64
N GLU A 438 11.65 32.66 -17.24
CA GLU A 438 10.46 33.47 -17.50
C GLU A 438 9.70 33.88 -16.24
N LEU A 439 10.03 33.30 -15.06
CA LEU A 439 9.39 33.69 -13.82
C LEU A 439 9.73 35.13 -13.41
N GLY A 440 10.87 35.65 -13.86
CA GLY A 440 11.29 36.99 -13.48
C GLY A 440 11.86 36.94 -12.09
N LEU A 441 12.93 36.15 -11.94
CA LEU A 441 13.61 35.89 -10.68
C LEU A 441 14.38 37.09 -10.15
N SER A 442 14.45 37.22 -8.83
CA SER A 442 15.23 38.26 -8.19
C SER A 442 16.46 37.60 -7.55
N ALA A 443 17.67 38.13 -7.82
CA ALA A 443 18.89 37.56 -7.23
C ALA A 443 18.84 37.74 -5.71
N PRO A 444 19.00 36.64 -4.96
CA PRO A 444 18.85 36.72 -3.51
C PRO A 444 20.10 37.14 -2.76
N LEU A 445 19.88 37.66 -1.55
CA LEU A 445 20.96 37.99 -0.63
C LEU A 445 21.41 36.65 -0.04
N THR A 446 22.71 36.36 -0.03
CA THR A 446 23.20 35.11 0.59
C THR A 446 23.99 35.42 1.84
N VAL A 447 24.02 34.48 2.79
CA VAL A 447 24.75 34.67 4.04
C VAL A 447 25.73 33.51 4.27
N LEU A 448 26.79 33.74 5.05
CA LEU A 448 27.75 32.69 5.36
C LEU A 448 27.22 31.78 6.48
N PRO A 449 27.67 30.52 6.56
CA PRO A 449 27.17 29.63 7.63
C PRO A 449 27.61 30.01 9.04
N THR A 450 28.60 30.90 9.16
CA THR A 450 29.07 31.37 10.44
C THR A 450 28.25 32.55 10.98
N ILE A 451 27.20 32.99 10.25
CA ILE A 451 26.38 34.12 10.69
C ILE A 451 25.58 33.73 11.92
N THR A 452 25.38 34.69 12.85
CA THR A 452 24.59 34.40 14.03
C THR A 452 23.09 34.53 13.74
N CYS A 453 22.27 33.94 14.59
CA CYS A 453 20.82 34.03 14.51
C CYS A 453 20.36 35.49 14.63
N GLY A 454 21.00 36.24 15.50
CA GLY A 454 20.70 37.65 15.70
C GLY A 454 21.05 38.47 14.48
N HIS A 455 22.24 38.23 13.91
CA HIS A 455 22.69 38.94 12.72
C HIS A 455 21.86 38.61 11.49
N THR A 456 21.28 37.41 11.44
CA THR A 456 20.41 37.01 10.34
C THR A 456 19.14 37.84 10.37
N ILE A 457 18.55 38.03 11.57
CA ILE A 457 17.35 38.86 11.72
C ILE A 457 17.65 40.30 11.25
N GLU A 458 18.79 40.84 11.70
CA GLU A 458 19.19 42.19 11.38
C GLU A 458 19.36 42.42 9.90
N ILE A 459 20.13 41.57 9.22
CA ILE A 459 20.44 41.80 7.82
C ILE A 459 19.23 41.60 6.94
N LEU A 460 18.38 40.61 7.24
CA LEU A 460 17.17 40.37 6.45
C LEU A 460 16.23 41.56 6.57
N ARG A 461 16.02 42.07 7.80
CA ARG A 461 15.14 43.21 8.01
C ARG A 461 15.72 44.47 7.37
N GLU A 462 17.01 44.71 7.60
CA GLU A 462 17.74 45.86 7.08
C GLU A 462 17.73 45.93 5.57
N LYS A 463 17.96 44.78 4.90
CA LYS A 463 18.02 44.70 3.43
C LYS A 463 16.66 44.47 2.73
N GLY A 464 15.61 44.21 3.51
CA GLY A 464 14.27 44.02 2.97
C GLY A 464 13.98 42.65 2.38
N PHE A 465 14.66 41.60 2.87
CA PHE A 465 14.45 40.22 2.37
C PHE A 465 13.80 39.37 3.45
N ASP A 466 12.98 38.40 3.04
CA ASP A 466 12.35 37.50 4.00
C ASP A 466 13.10 36.16 4.16
N GLN A 467 14.07 35.89 3.30
CA GLN A 467 14.82 34.65 3.31
C GLN A 467 16.19 34.83 2.65
N ALA A 468 17.10 33.88 2.88
CA ALA A 468 18.44 33.93 2.32
C ALA A 468 19.05 32.54 2.22
N PRO A 469 19.59 32.18 1.04
CA PRO A 469 20.38 30.94 0.96
C PRO A 469 21.66 31.11 1.78
N VAL A 470 22.10 30.03 2.40
CA VAL A 470 23.33 30.00 3.17
C VAL A 470 24.40 29.39 2.29
N VAL A 471 25.43 30.16 1.97
CA VAL A 471 26.49 29.74 1.05
C VAL A 471 27.86 29.92 1.70
N ASP A 472 28.67 28.85 1.80
CA ASP A 472 30.00 28.98 2.42
C ASP A 472 31.03 29.71 1.50
N GLU A 473 32.25 29.97 2.00
CA GLU A 473 33.24 30.70 1.21
C GLU A 473 33.66 29.94 -0.06
N ALA A 474 33.58 28.60 -0.03
CA ALA A 474 33.89 27.79 -1.21
C ALA A 474 32.74 27.76 -2.27
N GLY A 475 31.61 28.40 -1.97
CA GLY A 475 30.47 28.45 -2.88
C GLY A 475 29.45 27.36 -2.69
N VAL A 476 29.62 26.50 -1.67
CA VAL A 476 28.69 25.40 -1.42
C VAL A 476 27.40 25.90 -0.82
N ILE A 477 26.26 25.53 -1.41
CA ILE A 477 24.96 25.93 -0.86
C ILE A 477 24.59 24.97 0.25
N LEU A 478 24.48 25.47 1.48
CA LEU A 478 24.15 24.63 2.63
C LEU A 478 22.65 24.50 2.90
N GLY A 479 21.88 25.48 2.48
CA GLY A 479 20.44 25.47 2.68
C GLY A 479 19.85 26.85 2.66
N MET A 480 18.71 27.01 3.33
CA MET A 480 18.01 28.29 3.41
C MET A 480 17.72 28.70 4.83
N VAL A 481 17.71 30.00 5.08
CA VAL A 481 17.24 30.56 6.34
C VAL A 481 16.12 31.55 6.03
N THR A 482 15.17 31.69 6.95
CA THR A 482 14.07 32.63 6.77
C THR A 482 13.94 33.54 8.00
N LEU A 483 13.42 34.73 7.78
CA LEU A 483 13.19 35.69 8.84
C LEU A 483 12.15 35.14 9.83
N GLY A 484 11.08 34.58 9.29
CA GLY A 484 9.99 34.05 10.11
C GLY A 484 10.39 32.92 11.02
N ASN A 485 11.11 31.94 10.47
CA ASN A 485 11.54 30.80 11.26
C ASN A 485 12.59 31.16 12.28
N MET A 486 13.50 32.05 11.92
CA MET A 486 14.53 32.48 12.84
C MET A 486 13.93 33.21 14.04
N LEU A 487 12.93 34.07 13.77
CA LEU A 487 12.29 34.83 14.83
C LEU A 487 11.48 33.94 15.73
N SER A 488 10.72 33.00 15.15
CA SER A 488 9.91 32.09 15.94
C SER A 488 10.79 31.21 16.81
N SER A 489 11.93 30.77 16.28
CA SER A 489 12.86 29.94 17.03
C SER A 489 13.41 30.71 18.24
N LEU A 490 13.75 31.98 18.03
CA LEU A 490 14.28 32.85 19.08
C LEU A 490 13.22 33.10 20.16
N LEU A 491 12.01 33.48 19.76
CA LEU A 491 10.94 33.74 20.71
C LEU A 491 10.50 32.50 21.49
N ALA A 492 10.63 31.32 20.88
CA ALA A 492 10.30 30.07 21.58
C ALA A 492 11.48 29.50 22.40
N GLY A 493 12.61 30.18 22.40
CA GLY A 493 13.79 29.79 23.17
C GLY A 493 14.63 28.66 22.59
N LYS A 494 14.38 28.30 21.32
CA LYS A 494 15.13 27.21 20.67
C LYS A 494 16.58 27.61 20.41
N VAL A 495 16.79 28.86 20.03
CA VAL A 495 18.14 29.39 19.79
C VAL A 495 18.34 30.69 20.56
N GLN A 496 19.60 31.08 20.74
CA GLN A 496 20.01 32.32 21.35
C GLN A 496 20.57 33.24 20.25
N PRO A 497 20.52 34.56 20.46
CA PRO A 497 20.98 35.48 19.41
C PRO A 497 22.39 35.25 18.93
N SER A 498 23.27 34.84 19.83
CA SER A 498 24.67 34.60 19.51
C SER A 498 24.95 33.24 18.87
N ASP A 499 23.98 32.34 18.81
CA ASP A 499 24.15 31.02 18.20
C ASP A 499 24.32 31.11 16.69
N GLN A 500 25.06 30.17 16.12
CA GLN A 500 25.13 30.04 14.68
C GLN A 500 23.82 29.40 14.20
N VAL A 501 23.52 29.48 12.90
CA VAL A 501 22.22 29.06 12.41
C VAL A 501 22.01 27.55 12.15
N GLY A 502 22.96 26.71 12.55
CA GLY A 502 22.88 25.27 12.35
C GLY A 502 21.57 24.61 12.77
N LYS A 503 20.97 25.07 13.88
CA LYS A 503 19.72 24.51 14.38
C LYS A 503 18.48 25.00 13.65
N VAL A 504 18.58 26.12 12.91
CA VAL A 504 17.42 26.69 12.22
C VAL A 504 17.42 26.49 10.70
N ILE A 505 18.59 26.30 10.12
CA ILE A 505 18.74 26.14 8.67
C ILE A 505 17.89 25.02 8.07
N TYR A 506 17.28 25.29 6.93
CA TYR A 506 16.54 24.32 6.17
C TYR A 506 17.54 23.72 5.20
N LYS A 507 18.03 22.51 5.52
CA LYS A 507 19.04 21.87 4.68
C LYS A 507 18.51 21.24 3.41
N GLN A 508 17.21 20.95 3.36
CA GLN A 508 16.64 20.29 2.18
C GLN A 508 16.12 21.25 1.12
N PHE A 509 16.60 21.08 -0.11
CA PHE A 509 16.25 21.89 -1.27
C PHE A 509 16.67 21.17 -2.55
N LYS A 510 16.16 21.64 -3.68
CA LYS A 510 16.49 21.06 -4.97
C LYS A 510 17.06 22.14 -5.87
N GLN A 511 18.16 21.87 -6.56
CA GLN A 511 18.72 22.83 -7.50
C GLN A 511 18.04 22.69 -8.84
N ILE A 512 17.75 23.81 -9.49
CA ILE A 512 17.12 23.83 -10.80
C ILE A 512 17.88 24.81 -11.70
N ARG A 513 17.78 24.60 -13.02
CA ARG A 513 18.46 25.47 -13.97
C ARG A 513 17.49 26.48 -14.56
N LEU A 514 18.01 27.63 -14.98
CA LEU A 514 17.22 28.67 -15.63
C LEU A 514 16.50 28.15 -16.88
N THR A 515 17.09 27.16 -17.57
CA THR A 515 16.57 26.57 -18.79
C THR A 515 15.59 25.41 -18.58
N ASP A 516 15.42 24.95 -17.33
CA ASP A 516 14.45 23.90 -17.05
C ASP A 516 13.02 24.47 -17.21
N THR A 517 12.04 23.61 -17.44
CA THR A 517 10.66 24.04 -17.63
C THR A 517 9.92 24.24 -16.32
N LEU A 518 8.81 24.98 -16.36
CA LEU A 518 7.94 25.13 -15.23
C LEU A 518 7.26 23.80 -14.87
N GLY A 519 7.10 22.89 -15.84
CA GLY A 519 6.59 21.56 -15.58
C GLY A 519 7.56 20.77 -14.72
N ARG A 520 8.86 20.91 -14.99
CA ARG A 520 9.90 20.29 -14.19
C ARG A 520 9.89 20.88 -12.79
N LEU A 521 9.71 22.21 -12.68
CA LEU A 521 9.63 22.90 -11.40
C LEU A 521 8.46 22.37 -10.59
N SER A 522 7.31 22.23 -11.23
CA SER A 522 6.10 21.72 -10.61
C SER A 522 6.29 20.34 -10.03
N HIS A 523 7.00 19.45 -10.75
CA HIS A 523 7.27 18.12 -10.24
C HIS A 523 8.20 18.21 -9.04
N ILE A 524 9.24 19.05 -9.13
CA ILE A 524 10.18 19.27 -8.03
C ILE A 524 9.46 19.75 -6.77
N LEU A 525 8.49 20.65 -6.96
CA LEU A 525 7.70 21.23 -5.87
C LEU A 525 6.74 20.24 -5.21
N GLU A 526 6.60 19.02 -5.74
CA GLU A 526 5.84 17.98 -5.08
C GLU A 526 6.72 17.23 -4.05
N MET A 527 8.04 17.48 -4.01
CA MET A 527 8.94 16.80 -3.09
C MET A 527 9.76 17.75 -2.22
N ASP A 528 10.01 18.96 -2.71
CA ASP A 528 10.80 19.96 -1.99
C ASP A 528 10.07 21.29 -1.93
N HIS A 529 10.29 22.05 -0.88
CA HIS A 529 9.70 23.37 -0.72
C HIS A 529 10.47 24.39 -1.57
N PHE A 530 11.81 24.33 -1.53
CA PHE A 530 12.63 25.30 -2.24
C PHE A 530 13.29 24.75 -3.47
N ALA A 531 13.27 25.53 -4.53
CA ALA A 531 14.01 25.24 -5.74
C ALA A 531 15.00 26.38 -5.92
N LEU A 532 16.30 26.08 -5.87
CA LEU A 532 17.32 27.10 -6.01
C LEU A 532 17.84 27.11 -7.43
N VAL A 533 17.67 28.23 -8.12
CA VAL A 533 18.10 28.36 -9.52
C VAL A 533 19.58 28.66 -9.59
N VAL A 534 20.38 27.79 -10.24
CA VAL A 534 21.82 27.95 -10.26
C VAL A 534 22.47 27.99 -11.67
N HIS A 535 23.79 28.31 -11.73
CA HIS A 535 24.67 28.37 -12.90
C HIS A 535 25.65 27.18 -12.90
N GLU A 536 25.58 26.34 -13.95
CA GLU A 536 26.42 25.16 -14.13
C GLU A 536 27.91 25.48 -14.36
N GLN A 537 28.23 26.72 -14.78
CA GLN A 537 29.60 27.13 -15.05
C GLN A 537 30.22 27.82 -13.81
N GLN A 538 29.46 28.73 -13.16
CA GLN A 538 29.94 29.39 -11.94
C GLN A 538 29.82 28.44 -10.74
N ARG A 539 30.55 28.74 -9.63
CA ARG A 539 30.52 27.93 -8.41
C ARG A 539 29.15 28.13 -7.73
N GLN A 540 28.15 27.32 -8.16
CA GLN A 540 26.77 27.31 -7.69
C GLN A 540 26.22 28.69 -7.29
N MET A 541 26.38 29.70 -8.16
CA MET A 541 25.88 31.06 -7.91
C MET A 541 24.33 31.07 -8.09
N VAL A 542 23.60 31.59 -7.10
CA VAL A 542 22.14 31.56 -7.11
C VAL A 542 21.51 32.75 -7.84
N PHE A 543 20.68 32.45 -8.86
CA PHE A 543 19.94 33.45 -9.63
C PHE A 543 18.61 33.83 -8.96
N GLY A 544 18.02 32.90 -8.20
CA GLY A 544 16.78 33.12 -7.50
C GLY A 544 16.31 31.91 -6.72
N VAL A 545 15.33 32.10 -5.85
CA VAL A 545 14.75 31.00 -5.07
C VAL A 545 13.28 30.92 -5.43
N VAL A 546 12.80 29.74 -5.82
CA VAL A 546 11.40 29.56 -6.20
C VAL A 546 10.68 28.58 -5.27
N THR A 547 9.44 28.89 -4.91
CA THR A 547 8.56 28.05 -4.11
C THR A 547 7.24 27.86 -4.91
N ALA A 548 6.30 27.02 -4.42
CA ALA A 548 5.02 26.85 -5.09
C ALA A 548 4.22 28.16 -5.15
N ILE A 549 4.42 29.07 -4.17
CA ILE A 549 3.76 30.37 -4.13
C ILE A 549 4.26 31.21 -5.31
N ASP A 550 5.57 31.18 -5.60
CA ASP A 550 6.13 31.95 -6.70
C ASP A 550 5.59 31.53 -8.07
N LEU A 551 5.33 30.23 -8.26
CA LEU A 551 4.78 29.76 -9.54
C LEU A 551 3.32 30.16 -9.65
N LEU A 552 2.56 30.03 -8.55
CA LEU A 552 1.15 30.41 -8.49
C LEU A 552 0.99 31.93 -8.71
N ASN A 553 1.91 32.73 -8.17
CA ASN A 553 1.90 34.18 -8.36
C ASN A 553 2.12 34.54 -9.83
N PHE A 554 2.97 33.78 -10.52
CA PHE A 554 3.26 33.98 -11.94
C PHE A 554 2.07 33.54 -12.79
N VAL A 555 1.49 32.38 -12.49
CA VAL A 555 0.37 31.88 -13.25
C VAL A 555 -0.88 32.75 -13.05
N ALA A 556 -1.19 33.16 -11.81
CA ALA A 556 -2.37 34.00 -11.52
C ALA A 556 -2.30 35.40 -12.10
N ALA A 557 -1.12 36.05 -12.07
CA ALA A 557 -0.96 37.39 -12.63
C ALA A 557 -1.05 37.32 -14.14
N GLN A 558 -0.42 36.30 -14.77
CA GLN A 558 -0.49 36.14 -16.21
C GLN A 558 -1.90 35.75 -16.68
N GLU A 559 -2.65 35.01 -15.84
CA GLU A 559 -4.01 34.64 -16.18
C GLU A 559 -4.95 35.86 -16.13
N ARG A 560 -4.65 36.87 -15.27
CA ARG A 560 -5.41 38.12 -15.21
C ARG A 560 -5.17 38.94 -16.48
N ASP A 561 -3.91 38.98 -16.96
CA ASP A 561 -3.55 39.69 -18.19
C ASP A 561 -4.16 39.00 -19.42
N GLN A 562 -4.19 37.67 -19.42
CA GLN A 562 -4.76 36.87 -20.49
C GLN A 562 -6.29 37.02 -20.50
N PRO B 63 -9.33 39.32 6.29
CA PRO B 63 -8.57 38.32 7.06
C PRO B 63 -7.35 37.82 6.31
N LEU B 64 -6.21 37.67 7.00
CA LEU B 64 -4.98 37.15 6.37
C LEU B 64 -4.64 35.69 6.78
N TRP B 65 -4.73 35.40 8.09
CA TRP B 65 -4.40 34.10 8.65
C TRP B 65 -5.08 33.88 10.00
N ILE B 66 -5.52 32.65 10.26
CA ILE B 66 -6.12 32.28 11.52
C ILE B 66 -5.26 31.18 12.13
N ARG B 67 -4.64 31.46 13.28
CA ARG B 67 -3.74 30.54 13.97
C ARG B 67 -4.36 29.21 14.28
N PRO B 68 -3.64 28.10 14.03
CA PRO B 68 -4.18 26.77 14.34
C PRO B 68 -4.16 26.42 15.83
N ASP B 69 -3.61 27.29 16.69
CA ASP B 69 -3.52 27.03 18.12
C ASP B 69 -4.30 27.98 19.00
N ALA B 70 -5.15 28.84 18.42
CA ALA B 70 -5.95 29.80 19.18
C ALA B 70 -6.82 29.08 20.21
N PRO B 71 -6.99 29.65 21.42
CA PRO B 71 -7.79 28.96 22.44
C PRO B 71 -9.21 28.68 21.97
N SER B 72 -9.70 27.47 22.26
CA SER B 72 -11.04 27.08 21.84
C SER B 72 -12.10 27.92 22.56
N ARG B 73 -13.14 28.29 21.83
CA ARG B 73 -14.28 29.00 22.40
C ARG B 73 -15.42 28.04 22.78
N CYS B 74 -15.17 26.73 22.79
CA CYS B 74 -16.18 25.74 23.11
C CYS B 74 -16.51 25.77 24.55
N THR B 75 -17.79 25.95 24.86
CA THR B 75 -18.23 25.99 26.23
C THR B 75 -18.76 24.63 26.70
N TRP B 76 -18.24 23.54 26.12
CA TRP B 76 -18.64 22.21 26.54
C TRP B 76 -18.09 21.94 27.92
N GLN B 77 -18.91 21.28 28.73
CA GLN B 77 -18.54 20.85 30.07
C GLN B 77 -19.19 19.51 30.32
N LEU B 78 -18.48 18.61 31.01
CA LEU B 78 -19.01 17.29 31.37
C LEU B 78 -20.19 17.47 32.33
N GLY B 79 -21.32 16.86 31.99
CA GLY B 79 -22.55 17.00 32.76
C GLY B 79 -23.58 17.91 32.11
N ARG B 80 -23.17 18.62 31.04
CA ARG B 80 -24.02 19.50 30.27
C ARG B 80 -24.78 18.65 29.22
N PRO B 81 -26.12 18.79 29.13
CA PRO B 81 -26.87 17.97 28.17
C PRO B 81 -26.68 18.33 26.70
N ALA B 82 -26.95 17.36 25.80
CA ALA B 82 -26.79 17.49 24.36
C ALA B 82 -27.64 18.58 23.71
N SER B 83 -28.82 18.87 24.29
CA SER B 83 -29.71 19.93 23.83
C SER B 83 -29.00 21.30 23.77
N GLU B 84 -28.05 21.54 24.69
CA GLU B 84 -27.32 22.80 24.76
C GLU B 84 -26.23 22.98 23.70
N SER B 85 -25.97 21.95 22.87
CA SER B 85 -24.95 22.03 21.82
C SER B 85 -25.38 22.91 20.66
N PRO B 86 -24.55 23.89 20.28
CA PRO B 86 -24.86 24.71 19.09
C PRO B 86 -24.51 24.00 17.77
N HIS B 87 -23.85 22.84 17.83
CA HIS B 87 -23.36 22.11 16.68
C HIS B 87 -24.37 21.17 16.05
N HIS B 88 -24.21 20.92 14.75
CA HIS B 88 -25.03 19.96 14.04
C HIS B 88 -24.42 18.59 14.28
N HIS B 89 -25.23 17.63 14.73
CA HIS B 89 -24.74 16.28 14.98
C HIS B 89 -25.33 15.32 13.98
N THR B 90 -24.50 14.60 13.23
CA THR B 90 -24.98 13.64 12.25
C THR B 90 -25.04 12.27 12.90
N ALA B 91 -26.23 11.66 12.96
CA ALA B 91 -26.38 10.34 13.55
C ALA B 91 -25.97 9.27 12.55
N PRO B 92 -25.25 8.21 12.98
CA PRO B 92 -24.86 7.15 12.03
C PRO B 92 -26.08 6.60 11.27
N ALA B 93 -25.94 6.48 9.94
CA ALA B 93 -27.05 6.05 9.10
C ALA B 93 -26.87 4.68 8.49
N LYS B 94 -27.99 3.96 8.37
CA LYS B 94 -28.04 2.64 7.75
C LYS B 94 -27.55 2.73 6.32
N SER B 95 -26.47 2.02 5.99
CA SER B 95 -25.94 2.03 4.64
C SER B 95 -26.80 1.15 3.71
N PRO B 96 -27.14 1.64 2.51
CA PRO B 96 -27.94 0.80 1.59
C PRO B 96 -27.14 -0.40 1.10
N LYS B 97 -27.82 -1.36 0.46
CA LYS B 97 -27.16 -2.56 -0.05
C LYS B 97 -26.07 -2.20 -1.06
N ILE B 98 -26.39 -1.28 -1.97
CA ILE B 98 -25.44 -0.82 -2.96
C ILE B 98 -25.02 0.59 -2.57
N LEU B 99 -23.72 0.81 -2.33
CA LEU B 99 -23.25 2.14 -1.94
C LEU B 99 -23.24 3.04 -3.16
N PRO B 100 -23.79 4.25 -3.04
CA PRO B 100 -23.85 5.16 -4.20
C PRO B 100 -22.48 5.65 -4.68
N ASP B 101 -21.47 5.61 -3.80
CA ASP B 101 -20.07 5.97 -4.07
C ASP B 101 -19.15 5.42 -2.95
N ILE B 102 -17.82 5.46 -3.14
CA ILE B 102 -16.88 4.91 -2.16
C ILE B 102 -16.84 5.68 -0.85
N LEU B 103 -17.33 6.93 -0.81
CA LEU B 103 -17.34 7.73 0.41
C LEU B 103 -18.24 7.15 1.50
N LYS B 104 -19.21 6.30 1.12
CA LYS B 104 -20.04 5.62 2.11
C LYS B 104 -19.26 4.48 2.83
N LYS B 105 -18.06 4.12 2.32
CA LYS B 105 -17.22 3.11 2.94
C LYS B 105 -16.17 3.77 3.84
N ILE B 106 -16.66 4.65 4.72
CA ILE B 106 -15.90 5.39 5.72
C ILE B 106 -16.72 5.24 6.99
N GLY B 107 -16.11 4.64 7.99
CA GLY B 107 -16.79 4.35 9.24
C GLY B 107 -17.10 2.88 9.36
N ASP B 108 -17.72 2.50 10.47
CA ASP B 108 -18.06 1.12 10.86
C ASP B 108 -16.86 0.20 10.73
N THR B 109 -15.71 0.66 11.22
CA THR B 109 -14.45 -0.06 11.18
C THR B 109 -14.46 -1.19 12.20
N PRO B 110 -13.72 -2.27 11.91
CA PRO B 110 -13.74 -3.42 12.83
C PRO B 110 -13.02 -3.20 14.16
N MET B 111 -13.47 -3.94 15.17
CA MET B 111 -12.87 -3.98 16.49
C MET B 111 -12.37 -5.41 16.62
N VAL B 112 -11.06 -5.58 16.71
CA VAL B 112 -10.44 -6.90 16.69
C VAL B 112 -9.64 -7.19 17.95
N ARG B 113 -9.83 -8.35 18.58
CA ARG B 113 -9.07 -8.73 19.75
C ARG B 113 -7.61 -8.99 19.39
N ILE B 114 -6.70 -8.47 20.22
CA ILE B 114 -5.25 -8.69 20.11
C ILE B 114 -4.96 -9.94 20.93
N ASN B 115 -4.44 -10.99 20.29
CA ASN B 115 -4.28 -12.29 20.93
C ASN B 115 -2.90 -12.67 21.43
N LYS B 116 -1.83 -12.11 20.85
CA LYS B 116 -0.49 -12.49 21.25
C LYS B 116 0.28 -11.39 21.97
N ILE B 117 0.20 -10.14 21.46
CA ILE B 117 0.97 -9.02 21.99
C ILE B 117 0.63 -8.66 23.44
N GLY B 118 -0.65 -8.65 23.79
CA GLY B 118 -1.06 -8.37 25.16
C GLY B 118 -0.50 -9.38 26.14
N LYS B 119 -0.66 -10.68 25.82
CA LYS B 119 -0.16 -11.76 26.67
C LYS B 119 1.36 -11.69 26.80
N LYS B 120 2.06 -11.44 25.70
CA LYS B 120 3.52 -11.34 25.65
C LYS B 120 4.04 -10.28 26.60
N PHE B 121 3.33 -9.16 26.71
CA PHE B 121 3.77 -8.08 27.59
C PHE B 121 3.13 -8.11 28.99
N GLY B 122 2.52 -9.22 29.36
CA GLY B 122 1.97 -9.41 30.69
C GLY B 122 0.65 -8.73 30.97
N LEU B 123 -0.14 -8.43 29.93
CA LEU B 123 -1.46 -7.85 30.15
C LEU B 123 -2.38 -8.95 30.62
N LYS B 124 -3.22 -8.63 31.61
CA LYS B 124 -4.22 -9.56 32.17
C LYS B 124 -5.61 -9.29 31.55
N CYS B 125 -5.89 -8.04 31.17
CA CYS B 125 -7.14 -7.59 30.59
C CYS B 125 -7.28 -7.99 29.12
N GLU B 126 -8.47 -7.74 28.55
CA GLU B 126 -8.75 -7.95 27.14
C GLU B 126 -8.23 -6.72 26.40
N LEU B 127 -7.49 -6.92 25.31
CA LEU B 127 -6.97 -5.81 24.52
C LEU B 127 -7.59 -5.88 23.12
N LEU B 128 -8.28 -4.80 22.71
CA LEU B 128 -8.96 -4.73 21.41
C LEU B 128 -8.42 -3.58 20.57
N ALA B 129 -8.39 -3.76 19.26
CA ALA B 129 -7.89 -2.76 18.34
C ALA B 129 -8.97 -2.29 17.40
N LYS B 130 -9.19 -0.98 17.34
CA LYS B 130 -10.16 -0.34 16.45
C LYS B 130 -9.37 -0.05 15.18
N CYS B 131 -9.60 -0.84 14.14
CA CYS B 131 -8.83 -0.80 12.92
C CYS B 131 -9.31 0.22 11.90
N GLU B 132 -8.85 1.46 12.03
CA GLU B 132 -9.25 2.56 11.14
C GLU B 132 -8.65 2.51 9.74
N PHE B 133 -7.70 1.61 9.50
CA PHE B 133 -7.09 1.48 8.18
C PHE B 133 -7.99 0.81 7.15
N PHE B 134 -9.17 0.32 7.57
CA PHE B 134 -10.13 -0.28 6.67
C PHE B 134 -11.01 0.75 5.96
N ASN B 135 -10.86 2.06 6.29
CA ASN B 135 -11.63 3.11 5.63
C ASN B 135 -11.18 3.20 4.16
N ALA B 136 -12.06 3.72 3.29
CA ALA B 136 -11.82 3.84 1.85
C ALA B 136 -10.41 4.31 1.44
N GLY B 137 -9.92 5.37 2.09
CA GLY B 137 -8.61 5.92 1.82
C GLY B 137 -7.48 5.29 2.62
N GLY B 138 -7.82 4.48 3.61
CA GLY B 138 -6.84 3.76 4.40
C GLY B 138 -6.49 4.37 5.76
N SER B 139 -7.31 5.31 6.26
CA SER B 139 -7.02 5.94 7.55
C SER B 139 -8.25 6.47 8.27
N VAL B 140 -8.08 6.74 9.57
CA VAL B 140 -9.08 7.35 10.44
C VAL B 140 -9.49 8.74 9.92
N LYS B 141 -8.57 9.44 9.21
CA LYS B 141 -8.80 10.77 8.67
C LYS B 141 -9.87 10.84 7.59
N ASP B 142 -10.24 9.71 6.98
CA ASP B 142 -11.33 9.69 6.01
C ASP B 142 -12.65 10.17 6.69
N ARG B 143 -12.82 9.89 7.98
CA ARG B 143 -14.01 10.33 8.71
C ARG B 143 -14.08 11.87 8.79
N ILE B 144 -12.95 12.53 9.12
CA ILE B 144 -12.95 13.98 9.24
C ILE B 144 -12.94 14.66 7.87
N SER B 145 -12.34 14.02 6.86
CA SER B 145 -12.33 14.55 5.50
C SER B 145 -13.77 14.64 4.99
N LEU B 146 -14.54 13.56 5.14
CA LEU B 146 -15.91 13.54 4.69
C LEU B 146 -16.75 14.50 5.51
N ARG B 147 -16.59 14.50 6.84
CA ARG B 147 -17.38 15.35 7.72
C ARG B 147 -17.13 16.84 7.49
N MET B 148 -15.86 17.23 7.30
CA MET B 148 -15.53 18.63 7.05
C MET B 148 -16.15 19.11 5.77
N ILE B 149 -16.14 18.26 4.72
CA ILE B 149 -16.74 18.61 3.42
C ILE B 149 -18.24 18.71 3.51
N GLU B 150 -18.89 17.71 4.15
CA GLU B 150 -20.34 17.71 4.25
C GLU B 150 -20.88 18.91 5.02
N ASP B 151 -20.24 19.26 6.14
CA ASP B 151 -20.65 20.40 6.94
C ASP B 151 -20.44 21.69 6.19
N ALA B 152 -19.31 21.82 5.48
CA ALA B 152 -19.02 23.01 4.67
C ALA B 152 -20.01 23.15 3.53
N GLU B 153 -20.47 22.02 2.95
CA GLU B 153 -21.45 22.05 1.88
C GLU B 153 -22.79 22.52 2.43
N ARG B 154 -23.20 21.99 3.58
CA ARG B 154 -24.46 22.32 4.23
C ARG B 154 -24.49 23.78 4.64
N ASP B 155 -23.36 24.29 5.18
CA ASP B 155 -23.11 25.68 5.62
C ASP B 155 -23.23 26.71 4.51
N GLY B 156 -23.05 26.27 3.27
CA GLY B 156 -22.99 27.20 2.15
C GLY B 156 -21.56 27.67 1.89
N THR B 157 -20.59 27.26 2.73
CA THR B 157 -19.21 27.64 2.59
C THR B 157 -18.63 27.06 1.29
N LEU B 158 -18.82 25.75 1.06
CA LEU B 158 -18.27 25.05 -0.08
C LEU B 158 -19.28 24.91 -1.20
N LYS B 159 -19.03 25.58 -2.31
CA LYS B 159 -19.91 25.53 -3.46
C LYS B 159 -19.34 24.57 -4.53
N PRO B 160 -20.18 24.05 -5.44
CA PRO B 160 -19.68 23.11 -6.45
C PRO B 160 -18.49 23.61 -7.27
N GLY B 161 -17.54 22.69 -7.51
CA GLY B 161 -16.35 23.02 -8.27
C GLY B 161 -15.35 23.94 -7.57
N ASP B 162 -15.59 24.31 -6.30
CA ASP B 162 -14.65 25.15 -5.56
C ASP B 162 -13.33 24.42 -5.31
N THR B 163 -12.33 25.14 -4.78
CA THR B 163 -11.01 24.57 -4.49
C THR B 163 -10.82 24.34 -2.98
N ILE B 164 -10.36 23.15 -2.62
CA ILE B 164 -10.08 22.78 -1.25
C ILE B 164 -8.55 22.81 -1.08
N ILE B 165 -8.05 23.55 -0.10
CA ILE B 165 -6.64 23.59 0.20
C ILE B 165 -6.50 23.12 1.63
N GLU B 166 -5.60 22.17 1.91
CA GLU B 166 -5.46 21.70 3.28
C GLU B 166 -4.04 21.39 3.71
N PRO B 167 -3.61 21.98 4.85
CA PRO B 167 -2.30 21.62 5.41
C PRO B 167 -2.47 20.29 6.13
N THR B 168 -1.64 19.30 5.78
CA THR B 168 -1.81 17.95 6.32
C THR B 168 -0.51 17.21 6.41
N SER B 169 -0.45 16.23 7.32
CA SER B 169 0.69 15.32 7.42
C SER B 169 0.51 14.13 6.43
N GLY B 170 -0.59 14.09 5.68
CA GLY B 170 -0.82 13.09 4.66
C GLY B 170 -2.20 12.50 4.59
N ASN B 171 -2.67 11.92 5.68
CA ASN B 171 -3.93 11.18 5.68
C ASN B 171 -5.18 12.03 5.50
N THR B 172 -5.22 13.23 6.08
CA THR B 172 -6.35 14.14 5.85
C THR B 172 -6.33 14.58 4.37
N GLY B 173 -5.12 14.79 3.84
CA GLY B 173 -4.96 15.15 2.44
C GLY B 173 -5.49 14.07 1.52
N ILE B 174 -5.18 12.80 1.82
CA ILE B 174 -5.67 11.67 1.03
C ILE B 174 -7.19 11.57 1.10
N GLY B 175 -7.74 11.70 2.30
CA GLY B 175 -9.18 11.65 2.49
C GLY B 175 -9.90 12.74 1.74
N LEU B 176 -9.37 13.97 1.79
CA LEU B 176 -9.95 15.10 1.10
C LEU B 176 -9.76 14.98 -0.41
N ALA B 177 -8.62 14.46 -0.86
CA ALA B 177 -8.36 14.28 -2.29
C ALA B 177 -9.27 13.23 -2.89
N LEU B 178 -9.59 12.19 -2.11
CA LEU B 178 -10.47 11.11 -2.53
C LEU B 178 -11.88 11.64 -2.66
N ALA B 179 -12.36 12.40 -1.67
CA ALA B 179 -13.70 13.00 -1.73
C ALA B 179 -13.78 14.05 -2.83
N ALA B 180 -12.70 14.82 -3.03
CA ALA B 180 -12.64 15.83 -4.10
C ALA B 180 -12.70 15.15 -5.47
N ALA B 181 -12.06 13.98 -5.62
CA ALA B 181 -12.07 13.24 -6.87
C ALA B 181 -13.51 12.80 -7.19
N VAL B 182 -14.22 12.25 -6.18
CA VAL B 182 -15.59 11.77 -6.29
C VAL B 182 -16.60 12.93 -6.50
N ARG B 183 -16.55 13.95 -5.63
CA ARG B 183 -17.50 15.06 -5.63
C ARG B 183 -17.18 16.20 -6.61
N GLY B 184 -16.03 16.16 -7.27
CA GLY B 184 -15.69 17.16 -8.27
C GLY B 184 -15.16 18.51 -7.79
N TYR B 185 -14.21 18.47 -6.84
CA TYR B 185 -13.58 19.67 -6.31
C TYR B 185 -12.11 19.70 -6.69
N ARG B 186 -11.54 20.88 -6.87
CA ARG B 186 -10.10 21.00 -7.09
C ARG B 186 -9.45 20.84 -5.72
N CYS B 187 -8.36 20.09 -5.62
CA CYS B 187 -7.75 19.80 -4.33
C CYS B 187 -6.26 20.07 -4.31
N ILE B 188 -5.82 20.92 -3.38
CA ILE B 188 -4.41 21.26 -3.20
C ILE B 188 -3.98 20.87 -1.79
N ILE B 189 -2.97 20.03 -1.69
CA ILE B 189 -2.47 19.55 -0.41
C ILE B 189 -1.12 20.14 -0.08
N VAL B 190 -0.96 20.63 1.16
CA VAL B 190 0.31 21.17 1.64
C VAL B 190 0.85 20.24 2.73
N MET B 191 1.94 19.54 2.42
CA MET B 191 2.47 18.51 3.31
C MET B 191 3.98 18.63 3.63
N PRO B 192 4.42 18.50 4.91
CA PRO B 192 5.86 18.59 5.23
C PRO B 192 6.72 17.61 4.46
N GLU B 193 7.96 17.99 4.18
CA GLU B 193 8.92 17.21 3.41
C GLU B 193 9.20 15.79 3.95
N LYS B 194 9.07 15.58 5.28
CA LYS B 194 9.37 14.27 5.86
C LYS B 194 8.35 13.19 5.49
N MET B 195 7.13 13.59 5.13
CA MET B 195 6.08 12.61 4.84
C MET B 195 6.44 11.74 3.63
N SER B 196 6.02 10.46 3.71
CA SER B 196 6.36 9.42 2.77
C SER B 196 6.01 9.67 1.32
N SER B 197 6.82 9.12 0.42
CA SER B 197 6.58 9.23 -1.01
C SER B 197 5.32 8.44 -1.39
N GLU B 198 4.96 7.39 -0.63
CA GLU B 198 3.75 6.62 -0.86
C GLU B 198 2.52 7.50 -0.71
N LYS B 199 2.57 8.49 0.20
CA LYS B 199 1.46 9.43 0.37
C LYS B 199 1.36 10.30 -0.90
N VAL B 200 2.50 10.76 -1.43
CA VAL B 200 2.57 11.59 -2.64
C VAL B 200 1.99 10.83 -3.82
N ASP B 201 2.42 9.58 -4.02
CA ASP B 201 1.96 8.69 -5.10
C ASP B 201 0.42 8.61 -5.14
N VAL B 202 -0.22 8.36 -3.98
CA VAL B 202 -1.66 8.22 -3.88
C VAL B 202 -2.33 9.55 -4.12
N LEU B 203 -1.79 10.63 -3.56
CA LEU B 203 -2.33 11.97 -3.77
C LEU B 203 -2.34 12.36 -5.25
N ARG B 204 -1.25 12.07 -5.96
CA ARG B 204 -1.12 12.35 -7.39
C ARG B 204 -2.17 11.57 -8.17
N ALA B 205 -2.31 10.25 -7.88
CA ALA B 205 -3.25 9.34 -8.52
C ALA B 205 -4.69 9.83 -8.35
N LEU B 206 -5.00 10.36 -7.18
CA LEU B 206 -6.32 10.92 -6.90
C LEU B 206 -6.53 12.31 -7.54
N GLY B 207 -5.53 12.86 -8.22
CA GLY B 207 -5.62 14.15 -8.88
C GLY B 207 -5.37 15.37 -8.02
N ALA B 208 -4.81 15.19 -6.81
CA ALA B 208 -4.50 16.33 -5.95
C ALA B 208 -3.21 17.01 -6.39
N GLU B 209 -3.15 18.33 -6.22
CA GLU B 209 -1.95 19.12 -6.50
C GLU B 209 -1.18 19.12 -5.20
N ILE B 210 0.15 18.95 -5.25
CA ILE B 210 0.94 18.85 -4.03
C ILE B 210 2.00 19.92 -3.86
N VAL B 211 2.02 20.53 -2.66
CA VAL B 211 3.01 21.51 -2.25
C VAL B 211 3.70 20.98 -0.99
N ARG B 212 5.02 21.16 -0.89
CA ARG B 212 5.75 20.70 0.29
C ARG B 212 6.31 21.86 1.10
N THR B 213 6.48 21.66 2.42
CA THR B 213 7.04 22.65 3.34
C THR B 213 8.18 22.03 4.15
N PRO B 214 9.16 22.83 4.61
CA PRO B 214 10.28 22.25 5.36
C PRO B 214 9.80 21.56 6.64
N THR B 215 10.30 20.36 6.91
CA THR B 215 9.89 19.59 8.08
C THR B 215 10.09 20.33 9.38
N ASN B 216 11.22 21.03 9.51
CA ASN B 216 11.56 21.75 10.71
C ASN B 216 11.04 23.20 10.75
N ALA B 217 10.07 23.57 9.89
CA ALA B 217 9.52 24.92 9.92
C ALA B 217 8.60 25.04 11.09
N ARG B 218 8.81 26.06 11.92
CA ARG B 218 7.92 26.32 13.05
C ARG B 218 6.57 26.74 12.51
N PHE B 219 5.51 26.23 13.12
CA PHE B 219 4.10 26.40 12.69
C PHE B 219 3.67 27.84 12.38
N ASP B 220 4.20 28.80 13.14
CA ASP B 220 3.89 30.21 12.98
C ASP B 220 4.83 30.94 12.01
N SER B 221 5.68 30.19 11.28
CA SER B 221 6.56 30.77 10.27
C SER B 221 5.80 30.77 8.93
N PRO B 222 6.13 31.70 8.02
CA PRO B 222 5.42 31.75 6.73
C PRO B 222 5.51 30.48 5.91
N GLU B 223 6.57 29.69 6.10
CA GLU B 223 6.81 28.49 5.30
C GLU B 223 6.37 27.19 5.95
N SER B 224 5.62 27.23 7.05
CA SER B 224 5.08 26.00 7.63
C SER B 224 3.96 25.50 6.71
N HIS B 225 3.52 24.23 6.88
CA HIS B 225 2.42 23.69 6.07
C HIS B 225 1.14 24.51 6.28
N VAL B 226 0.91 24.96 7.52
CA VAL B 226 -0.22 25.82 7.84
C VAL B 226 -0.06 27.19 7.17
N GLY B 227 1.09 27.84 7.35
CA GLY B 227 1.38 29.13 6.77
C GLY B 227 1.27 29.18 5.26
N VAL B 228 1.81 28.16 4.58
CA VAL B 228 1.77 28.07 3.13
C VAL B 228 0.34 27.83 2.65
N ALA B 229 -0.47 27.04 3.38
CA ALA B 229 -1.85 26.80 2.98
C ALA B 229 -2.65 28.11 2.94
N TRP B 230 -2.50 28.94 3.97
CA TRP B 230 -3.19 30.24 4.00
C TRP B 230 -2.68 31.17 2.91
N ARG B 231 -1.39 31.10 2.60
CA ARG B 231 -0.80 31.93 1.56
C ARG B 231 -1.34 31.57 0.19
N LEU B 232 -1.52 30.27 -0.10
CA LEU B 232 -2.06 29.81 -1.36
C LEU B 232 -3.55 30.20 -1.47
N LYS B 233 -4.32 30.03 -0.37
CA LYS B 233 -5.75 30.40 -0.36
C LYS B 233 -5.95 31.85 -0.73
N ASN B 234 -5.07 32.73 -0.21
CA ASN B 234 -5.11 34.16 -0.48
C ASN B 234 -4.91 34.48 -1.98
N GLU B 235 -4.25 33.59 -2.74
CA GLU B 235 -4.00 33.78 -4.17
C GLU B 235 -4.95 33.03 -5.09
N ILE B 236 -5.78 32.14 -4.56
CA ILE B 236 -6.69 31.36 -5.38
C ILE B 236 -8.14 31.73 -5.09
N PRO B 237 -8.84 32.34 -6.07
CA PRO B 237 -10.25 32.69 -5.82
C PRO B 237 -11.11 31.43 -5.75
N ASN B 238 -12.16 31.47 -4.93
CA ASN B 238 -13.05 30.33 -4.71
C ASN B 238 -12.35 29.15 -4.05
N SER B 239 -11.37 29.43 -3.19
CA SER B 239 -10.66 28.39 -2.46
C SER B 239 -11.00 28.44 -0.98
N HIS B 240 -10.97 27.28 -0.31
CA HIS B 240 -11.27 27.19 1.10
C HIS B 240 -10.31 26.31 1.83
N ILE B 241 -10.00 26.66 3.08
CA ILE B 241 -9.18 25.82 3.94
C ILE B 241 -10.14 25.31 4.99
N LEU B 242 -10.48 24.03 4.91
CA LEU B 242 -11.39 23.43 5.89
C LEU B 242 -10.79 23.49 7.31
N ASP B 243 -9.45 23.41 7.40
CA ASP B 243 -8.64 23.56 8.60
C ASP B 243 -8.96 22.57 9.69
N GLN B 244 -8.37 21.39 9.60
CA GLN B 244 -8.57 20.34 10.57
C GLN B 244 -8.13 20.69 11.98
N TYR B 245 -7.25 21.68 12.12
CA TYR B 245 -6.74 22.08 13.44
C TYR B 245 -7.73 22.90 14.24
N ARG B 246 -8.69 23.56 13.56
CA ARG B 246 -9.67 24.42 14.21
C ARG B 246 -11.12 23.98 13.99
N ASN B 247 -11.38 23.25 12.91
CA ASN B 247 -12.74 22.85 12.52
C ASN B 247 -13.38 21.84 13.46
N ALA B 248 -14.53 22.22 14.06
CA ALA B 248 -15.28 21.37 14.97
C ALA B 248 -15.73 20.07 14.31
N SER B 249 -15.89 20.05 12.97
CA SER B 249 -16.23 18.85 12.21
C SER B 249 -15.22 17.73 12.42
N ASN B 250 -13.97 18.06 12.77
CA ASN B 250 -12.96 17.06 13.03
C ASN B 250 -13.30 16.28 14.32
N PRO B 251 -13.27 16.88 15.53
CA PRO B 251 -13.61 16.11 16.73
C PRO B 251 -15.06 15.64 16.76
N LEU B 252 -15.99 16.39 16.15
CA LEU B 252 -17.39 15.99 16.12
C LEU B 252 -17.60 14.73 15.31
N ALA B 253 -16.77 14.46 14.29
CA ALA B 253 -16.90 13.20 13.53
C ALA B 253 -16.61 12.01 14.45
N HIS B 254 -15.63 12.16 15.33
CA HIS B 254 -15.26 11.13 16.27
C HIS B 254 -16.25 11.05 17.42
N TYR B 255 -16.77 12.19 17.87
CA TYR B 255 -17.77 12.26 18.93
C TYR B 255 -19.09 11.58 18.49
N ASP B 256 -19.52 11.86 17.26
CA ASP B 256 -20.76 11.32 16.73
C ASP B 256 -20.66 9.89 16.22
N THR B 257 -19.53 9.53 15.58
CA THR B 257 -19.46 8.22 14.93
C THR B 257 -18.44 7.26 15.55
N THR B 258 -17.13 7.60 15.56
CA THR B 258 -16.10 6.70 16.09
C THR B 258 -16.38 6.26 17.51
N ALA B 259 -16.79 7.19 18.36
CA ALA B 259 -17.09 6.91 19.76
C ALA B 259 -18.34 6.05 19.90
N ASP B 260 -19.35 6.33 19.09
CA ASP B 260 -20.61 5.57 19.09
C ASP B 260 -20.35 4.13 18.65
N GLU B 261 -19.43 3.93 17.69
CA GLU B 261 -19.11 2.59 17.21
C GLU B 261 -18.40 1.82 18.32
N ILE B 262 -17.45 2.47 19.02
CA ILE B 262 -16.73 1.82 20.11
C ILE B 262 -17.68 1.38 21.21
N LEU B 263 -18.61 2.25 21.61
CA LEU B 263 -19.59 1.92 22.64
C LEU B 263 -20.49 0.77 22.17
N GLN B 264 -20.95 0.82 20.91
CA GLN B 264 -21.80 -0.23 20.34
C GLN B 264 -21.06 -1.58 20.35
N GLN B 265 -19.82 -1.59 19.85
CA GLN B 265 -18.98 -2.79 19.76
C GLN B 265 -18.62 -3.37 21.12
N CYS B 266 -18.47 -2.51 22.13
CA CYS B 266 -18.15 -2.93 23.49
C CYS B 266 -19.36 -3.18 24.38
N ASP B 267 -20.58 -3.00 23.86
CA ASP B 267 -21.82 -3.07 24.64
C ASP B 267 -21.79 -2.09 25.82
N GLY B 268 -21.17 -0.93 25.62
CA GLY B 268 -21.04 0.11 26.63
C GLY B 268 -20.13 -0.21 27.79
N LYS B 269 -19.33 -1.29 27.69
CA LYS B 269 -18.42 -1.71 28.76
C LYS B 269 -16.96 -1.58 28.30
N LEU B 270 -16.25 -0.61 28.86
CA LEU B 270 -14.89 -0.32 28.44
C LEU B 270 -14.11 0.37 29.58
N ASP B 271 -12.92 -0.13 29.93
CA ASP B 271 -12.14 0.40 31.04
C ASP B 271 -11.05 1.40 30.65
N MET B 272 -10.48 1.25 29.44
CA MET B 272 -9.40 2.12 29.01
C MET B 272 -9.39 2.33 27.51
N LEU B 273 -9.04 3.54 27.09
CA LEU B 273 -8.87 3.85 25.69
C LEU B 273 -7.50 4.47 25.51
N VAL B 274 -6.72 3.96 24.56
CA VAL B 274 -5.41 4.48 24.23
C VAL B 274 -5.43 5.02 22.82
N ALA B 275 -5.05 6.29 22.63
CA ALA B 275 -5.05 6.89 21.30
C ALA B 275 -3.89 7.84 21.10
N SER B 276 -3.21 7.74 19.94
CA SER B 276 -2.10 8.67 19.61
C SER B 276 -2.69 10.03 19.23
N VAL B 277 -1.92 11.12 19.42
CA VAL B 277 -2.46 12.46 19.19
C VAL B 277 -1.70 13.26 18.14
N GLY B 278 -2.44 13.74 17.15
CA GLY B 278 -1.96 14.62 16.10
C GLY B 278 -2.71 15.93 16.25
N THR B 279 -3.82 16.10 15.52
CA THR B 279 -4.68 17.27 15.72
C THR B 279 -5.37 17.23 17.10
N GLY B 280 -5.60 16.02 17.61
CA GLY B 280 -6.32 15.84 18.85
C GLY B 280 -7.80 15.59 18.66
N GLY B 281 -8.29 15.58 17.42
CA GLY B 281 -9.70 15.38 17.15
C GLY B 281 -10.20 14.01 17.56
N THR B 282 -9.42 12.97 17.27
CA THR B 282 -9.79 11.61 17.62
C THR B 282 -9.91 11.44 19.13
N ILE B 283 -8.85 11.76 19.89
CA ILE B 283 -8.89 11.60 21.34
C ILE B 283 -9.92 12.53 21.98
N THR B 284 -10.09 13.76 21.46
CA THR B 284 -11.05 14.71 22.04
C THR B 284 -12.49 14.27 21.80
N GLY B 285 -12.81 13.91 20.57
CA GLY B 285 -14.14 13.47 20.20
C GLY B 285 -14.54 12.21 20.94
N ILE B 286 -13.66 11.20 20.94
CA ILE B 286 -13.93 9.96 21.64
C ILE B 286 -14.04 10.20 23.15
N ALA B 287 -13.11 10.97 23.74
CA ALA B 287 -13.10 11.21 25.19
C ALA B 287 -14.31 11.97 25.70
N ARG B 288 -14.76 13.01 24.98
CA ARG B 288 -15.94 13.76 25.41
C ARG B 288 -17.17 12.87 25.44
N LYS B 289 -17.33 12.01 24.44
CA LYS B 289 -18.46 11.09 24.41
C LYS B 289 -18.33 10.04 25.49
N LEU B 290 -17.14 9.46 25.66
CA LEU B 290 -16.91 8.43 26.68
C LEU B 290 -17.07 8.95 28.09
N LYS B 291 -16.64 10.16 28.39
CA LYS B 291 -16.83 10.74 29.72
C LYS B 291 -18.33 10.87 30.04
N GLU B 292 -19.17 11.08 29.01
CA GLU B 292 -20.61 11.17 29.18
C GLU B 292 -21.25 9.77 29.31
N LYS B 293 -20.90 8.83 28.43
CA LYS B 293 -21.51 7.49 28.36
C LYS B 293 -20.85 6.38 29.19
N CYS B 294 -19.57 6.52 29.47
CA CYS B 294 -18.77 5.53 30.19
C CYS B 294 -17.69 6.26 31.01
N PRO B 295 -18.08 6.94 32.10
CA PRO B 295 -17.11 7.75 32.85
C PRO B 295 -15.96 6.98 33.47
N GLY B 296 -16.17 5.69 33.72
CA GLY B 296 -15.13 4.84 34.26
C GLY B 296 -14.00 4.53 33.29
N CYS B 297 -14.16 4.92 32.01
CA CYS B 297 -13.13 4.68 31.01
C CYS B 297 -12.00 5.67 31.14
N ARG B 298 -10.79 5.16 31.37
CA ARG B 298 -9.60 5.99 31.46
C ARG B 298 -9.10 6.32 30.06
N ILE B 299 -8.74 7.58 29.84
CA ILE B 299 -8.30 8.07 28.54
C ILE B 299 -6.79 8.28 28.55
N ILE B 300 -6.08 7.52 27.71
CA ILE B 300 -4.62 7.58 27.62
C ILE B 300 -4.17 8.18 26.29
N GLY B 301 -3.45 9.28 26.36
CA GLY B 301 -2.94 9.96 25.18
C GLY B 301 -1.49 9.62 24.89
N VAL B 302 -1.18 9.41 23.61
CA VAL B 302 0.18 9.08 23.17
C VAL B 302 0.78 10.21 22.34
N ASP B 303 1.92 10.72 22.77
CA ASP B 303 2.59 11.84 22.12
C ASP B 303 4.04 11.47 21.85
N PRO B 304 4.58 11.72 20.65
CA PRO B 304 5.98 11.37 20.39
C PRO B 304 6.95 12.29 21.10
N GLU B 305 8.17 11.78 21.37
CA GLU B 305 9.23 12.59 21.96
C GLU B 305 9.65 13.60 20.87
N GLY B 306 9.65 14.86 21.23
CA GLY B 306 9.87 15.94 20.29
C GLY B 306 8.64 16.85 20.19
N SER B 307 7.46 16.30 20.52
CA SER B 307 6.22 17.04 20.51
C SER B 307 5.93 17.69 21.88
N ILE B 308 5.05 18.69 21.91
CA ILE B 308 4.70 19.37 23.15
C ILE B 308 3.25 19.19 23.57
N LEU B 309 2.53 18.21 22.99
CA LEU B 309 1.12 18.01 23.32
C LEU B 309 0.87 17.42 24.71
N ALA B 310 1.80 16.60 25.20
CA ALA B 310 1.61 15.94 26.49
C ALA B 310 1.62 16.86 27.70
N GLU B 311 0.90 16.45 28.75
CA GLU B 311 0.86 17.09 30.05
C GLU B 311 1.16 16.02 31.12
N PRO B 312 1.92 16.36 32.17
CA PRO B 312 2.50 17.67 32.47
C PRO B 312 3.67 18.04 31.56
N GLU B 313 4.02 19.33 31.53
CA GLU B 313 5.09 19.84 30.65
C GLU B 313 6.44 19.17 30.87
N GLU B 314 6.67 18.59 32.06
CA GLU B 314 7.90 17.88 32.40
C GLU B 314 8.14 16.70 31.45
N LEU B 315 7.06 16.11 30.91
CA LEU B 315 7.17 15.01 29.96
C LEU B 315 7.79 15.43 28.62
N ASN B 316 7.76 16.72 28.30
CA ASN B 316 8.23 17.22 27.01
C ASN B 316 9.65 17.77 26.97
N GLN B 317 10.42 17.60 28.04
CA GLN B 317 11.79 18.10 28.09
C GLN B 317 12.72 17.04 27.50
N THR B 318 12.97 17.10 26.19
CA THR B 318 13.81 16.11 25.53
C THR B 318 14.99 16.74 24.81
N GLU B 319 16.02 15.91 24.54
CA GLU B 319 17.26 16.27 23.87
C GLU B 319 17.25 15.80 22.42
N GLN B 320 16.18 16.16 21.67
CA GLN B 320 15.92 15.88 20.25
C GLN B 320 14.62 16.56 19.84
N THR B 321 14.56 17.09 18.61
CA THR B 321 13.36 17.81 18.16
C THR B 321 12.66 17.13 16.96
N THR B 322 13.37 16.24 16.24
CA THR B 322 12.79 15.57 15.07
C THR B 322 12.52 14.09 15.29
N TYR B 323 11.60 13.52 14.50
CA TYR B 323 11.27 12.10 14.59
C TYR B 323 10.71 11.59 13.26
N GLU B 324 10.81 10.28 13.03
CA GLU B 324 10.39 9.59 11.82
C GLU B 324 8.91 9.22 11.76
N VAL B 325 8.25 8.97 12.90
CA VAL B 325 6.82 8.62 12.90
C VAL B 325 5.98 9.76 12.31
N GLU B 326 5.03 9.43 11.45
CA GLU B 326 4.21 10.43 10.77
C GLU B 326 2.77 10.45 11.28
N GLY B 327 2.24 11.65 11.43
CA GLY B 327 0.85 11.84 11.82
C GLY B 327 0.60 12.29 13.24
N ILE B 328 1.57 12.13 14.13
CA ILE B 328 1.40 12.48 15.53
C ILE B 328 2.41 13.50 16.03
N GLY B 329 2.00 14.25 17.05
CA GLY B 329 2.84 15.25 17.66
C GLY B 329 2.97 16.54 16.89
N TYR B 330 2.96 17.67 17.62
CA TYR B 330 3.07 18.99 17.03
C TYR B 330 3.87 19.96 17.91
N ASP B 331 4.28 21.07 17.31
CA ASP B 331 4.96 22.14 18.01
C ASP B 331 3.96 23.23 18.51
N PHE B 332 2.66 22.92 18.53
CA PHE B 332 1.62 23.82 19.01
C PHE B 332 0.45 22.99 19.52
N ILE B 333 -0.45 23.62 20.28
CA ILE B 333 -1.61 22.91 20.80
C ILE B 333 -2.77 23.20 19.88
N PRO B 334 -3.23 22.23 19.07
CA PRO B 334 -4.34 22.52 18.16
C PRO B 334 -5.61 22.92 18.89
N THR B 335 -6.36 23.87 18.31
CA THR B 335 -7.60 24.36 18.88
C THR B 335 -8.60 23.24 19.20
N VAL B 336 -8.68 22.22 18.33
CA VAL B 336 -9.60 21.09 18.52
C VAL B 336 -9.20 20.15 19.64
N LEU B 337 -7.95 20.22 20.11
CA LEU B 337 -7.51 19.34 21.19
C LEU B 337 -7.98 19.85 22.56
N ASP B 338 -8.75 19.03 23.26
CA ASP B 338 -9.16 19.36 24.62
C ASP B 338 -8.32 18.48 25.56
N ARG B 339 -7.25 19.05 26.12
CA ARG B 339 -6.36 18.30 26.99
C ARG B 339 -6.95 17.95 28.34
N THR B 340 -8.03 18.65 28.76
CA THR B 340 -8.70 18.39 30.04
C THR B 340 -9.38 17.02 30.10
N VAL B 341 -9.75 16.44 28.94
CA VAL B 341 -10.41 15.13 28.93
C VAL B 341 -9.42 13.96 28.84
N VAL B 342 -8.10 14.23 28.82
CA VAL B 342 -7.11 13.16 28.79
C VAL B 342 -6.66 12.91 30.21
N ASP B 343 -6.80 11.68 30.70
CA ASP B 343 -6.46 11.36 32.07
C ASP B 343 -4.96 11.19 32.29
N LYS B 344 -4.25 10.64 31.30
CA LYS B 344 -2.82 10.42 31.43
C LYS B 344 -2.15 10.39 30.09
N TRP B 345 -0.92 10.92 30.01
CA TRP B 345 -0.15 10.92 28.77
C TRP B 345 1.09 10.06 28.91
N PHE B 346 1.51 9.46 27.80
CA PHE B 346 2.75 8.71 27.71
C PHE B 346 3.51 9.20 26.50
N LYS B 347 4.82 9.33 26.63
CA LYS B 347 5.65 9.72 25.51
C LYS B 347 6.12 8.47 24.79
N SER B 348 6.12 8.50 23.47
CA SER B 348 6.62 7.38 22.68
C SER B 348 7.86 7.81 21.86
N ASN B 349 8.63 6.82 21.38
CA ASN B 349 9.77 7.09 20.51
C ASN B 349 9.61 6.30 19.19
N ASP B 350 10.42 6.63 18.17
CA ASP B 350 10.33 5.96 16.88
C ASP B 350 10.67 4.49 16.98
N GLU B 351 11.72 4.14 17.71
CA GLU B 351 12.16 2.75 17.82
C GLU B 351 11.06 1.80 18.31
N GLU B 352 10.36 2.17 19.40
CA GLU B 352 9.29 1.33 19.91
C GLU B 352 8.06 1.37 19.00
N ALA B 353 7.81 2.50 18.33
CA ALA B 353 6.68 2.61 17.40
C ALA B 353 6.83 1.63 16.23
N PHE B 354 8.02 1.58 15.62
CA PHE B 354 8.25 0.71 14.48
C PHE B 354 8.41 -0.75 14.89
N THR B 355 8.95 -0.99 16.11
CA THR B 355 9.09 -2.34 16.66
C THR B 355 7.70 -2.94 16.83
N PHE B 356 6.77 -2.16 17.41
CA PHE B 356 5.40 -2.59 17.63
C PHE B 356 4.57 -2.65 16.37
N ALA B 357 4.82 -1.76 15.40
CA ALA B 357 4.07 -1.83 14.14
C ALA B 357 4.43 -3.11 13.40
N ARG B 358 5.71 -3.47 13.39
CA ARG B 358 6.18 -4.70 12.76
C ARG B 358 5.67 -5.95 13.51
N MET B 359 5.51 -5.85 14.84
CA MET B 359 4.98 -6.91 15.70
C MET B 359 3.49 -7.11 15.44
N LEU B 360 2.75 -6.00 15.25
CA LEU B 360 1.32 -6.05 14.95
C LEU B 360 1.10 -6.77 13.63
N ILE B 361 1.96 -6.53 12.64
CA ILE B 361 1.85 -7.22 11.36
C ILE B 361 2.22 -8.70 11.52
N ALA B 362 3.38 -8.98 12.10
CA ALA B 362 3.93 -10.32 12.23
C ALA B 362 3.18 -11.27 13.18
N GLN B 363 2.58 -10.73 14.24
CA GLN B 363 1.89 -11.55 15.22
C GLN B 363 0.39 -11.50 15.15
N GLU B 364 -0.18 -10.38 14.70
CA GLU B 364 -1.64 -10.22 14.63
C GLU B 364 -2.20 -10.14 13.22
N GLY B 365 -1.34 -9.99 12.23
CA GLY B 365 -1.79 -9.84 10.84
C GLY B 365 -2.52 -8.52 10.60
N LEU B 366 -2.22 -7.50 11.41
CA LEU B 366 -2.87 -6.21 11.27
C LEU B 366 -1.95 -5.34 10.44
N LEU B 367 -2.31 -5.11 9.17
CA LEU B 367 -1.46 -4.33 8.26
C LEU B 367 -1.63 -2.82 8.46
N CYS B 368 -1.14 -2.33 9.61
CA CYS B 368 -1.23 -0.96 10.08
C CYS B 368 0.09 -0.16 9.93
N GLY B 369 0.04 1.13 10.25
CA GLY B 369 1.18 2.04 10.13
C GLY B 369 1.94 2.33 11.42
N GLY B 370 2.78 3.36 11.36
CA GLY B 370 3.68 3.76 12.43
C GLY B 370 3.03 4.21 13.72
N SER B 371 2.07 5.14 13.64
CA SER B 371 1.39 5.62 14.83
C SER B 371 0.56 4.52 15.51
N ALA B 372 0.12 3.48 14.75
CA ALA B 372 -0.59 2.34 15.34
C ALA B 372 0.38 1.57 16.27
N GLY B 373 1.64 1.48 15.87
CA GLY B 373 2.68 0.87 16.69
C GLY B 373 2.96 1.68 17.94
N SER B 374 3.00 3.03 17.83
CA SER B 374 3.21 3.92 18.97
C SER B 374 2.13 3.69 20.02
N THR B 375 0.88 3.56 19.56
CA THR B 375 -0.28 3.37 20.40
C THR B 375 -0.22 2.05 21.18
N VAL B 376 0.05 0.93 20.50
CA VAL B 376 0.11 -0.35 21.17
C VAL B 376 1.33 -0.45 22.09
N ALA B 377 2.45 0.21 21.71
CA ALA B 377 3.65 0.27 22.55
C ALA B 377 3.32 0.90 23.90
N VAL B 378 2.45 1.93 23.89
CA VAL B 378 2.04 2.58 25.13
C VAL B 378 1.01 1.70 25.84
N ALA B 379 0.05 1.15 25.10
CA ALA B 379 -1.02 0.34 25.68
C ALA B 379 -0.54 -0.81 26.56
N VAL B 380 0.55 -1.49 26.16
CA VAL B 380 1.06 -2.59 26.96
C VAL B 380 1.66 -2.12 28.29
N LYS B 381 2.02 -0.82 28.42
CA LYS B 381 2.51 -0.25 29.67
C LYS B 381 1.30 0.28 30.45
N ALA B 382 0.47 1.11 29.79
CA ALA B 382 -0.67 1.79 30.39
C ALA B 382 -1.74 0.86 30.95
N ALA B 383 -1.99 -0.28 30.29
CA ALA B 383 -3.03 -1.20 30.75
C ALA B 383 -2.56 -2.29 31.70
N GLN B 384 -1.31 -2.21 32.19
CA GLN B 384 -0.76 -3.20 33.13
C GLN B 384 -1.60 -3.28 34.41
N GLU B 385 -2.10 -2.12 34.86
CA GLU B 385 -2.90 -1.98 36.07
C GLU B 385 -4.30 -2.61 35.98
N LEU B 386 -4.78 -2.89 34.75
CA LEU B 386 -6.09 -3.53 34.54
C LEU B 386 -6.02 -5.00 34.91
N GLN B 387 -7.14 -5.55 35.36
CA GLN B 387 -7.22 -6.94 35.76
C GLN B 387 -8.00 -7.79 34.75
N GLU B 388 -7.99 -9.12 34.96
CA GLU B 388 -8.73 -10.08 34.13
C GLU B 388 -10.22 -9.70 34.16
N GLY B 389 -10.85 -9.70 32.99
CA GLY B 389 -12.23 -9.29 32.87
C GLY B 389 -12.37 -7.87 32.33
N GLN B 390 -11.37 -7.00 32.63
CA GLN B 390 -11.35 -5.61 32.17
C GLN B 390 -10.99 -5.49 30.67
N ARG B 391 -11.21 -4.31 30.08
CA ARG B 391 -11.04 -4.10 28.65
C ARG B 391 -10.31 -2.80 28.28
N CYS B 392 -9.34 -2.90 27.37
CA CYS B 392 -8.58 -1.76 26.86
C CYS B 392 -8.73 -1.69 25.33
N VAL B 393 -9.11 -0.54 24.81
CA VAL B 393 -9.24 -0.35 23.37
C VAL B 393 -8.16 0.58 22.86
N VAL B 394 -7.49 0.20 21.78
CA VAL B 394 -6.50 1.04 21.11
C VAL B 394 -7.00 1.45 19.74
N ILE B 395 -6.62 2.64 19.30
CA ILE B 395 -7.00 3.11 17.98
C ILE B 395 -5.81 2.88 17.07
N LEU B 396 -6.02 2.17 15.94
CA LEU B 396 -4.97 1.94 14.95
C LEU B 396 -5.30 2.84 13.76
N PRO B 397 -4.61 3.99 13.65
CA PRO B 397 -5.05 5.02 12.70
C PRO B 397 -4.90 4.79 11.20
N ASP B 398 -3.78 4.24 10.71
CA ASP B 398 -3.62 4.12 9.25
C ASP B 398 -2.96 2.81 8.80
N SER B 399 -2.83 2.63 7.47
CA SER B 399 -2.35 1.40 6.87
C SER B 399 -0.87 1.38 6.54
N VAL B 400 -0.35 0.16 6.36
CA VAL B 400 1.04 -0.08 6.01
C VAL B 400 1.38 0.50 4.63
N ARG B 401 0.37 0.71 3.75
CA ARG B 401 0.54 1.26 2.41
C ARG B 401 1.36 2.56 2.41
N ASN B 402 1.17 3.42 3.42
CA ASN B 402 1.90 4.69 3.49
C ASN B 402 3.39 4.54 3.82
N TYR B 403 3.84 3.33 4.21
CA TYR B 403 5.20 3.15 4.71
C TYR B 403 5.92 1.95 4.10
N MET B 404 5.58 1.57 2.87
CA MET B 404 6.17 0.41 2.20
C MET B 404 7.70 0.47 2.14
N THR B 405 8.25 1.64 1.76
CA THR B 405 9.70 1.82 1.70
C THR B 405 10.28 2.47 2.96
N LYS B 406 9.50 2.58 4.04
CA LYS B 406 9.99 3.14 5.28
C LYS B 406 10.12 2.02 6.32
N PHE B 407 9.33 1.98 7.42
CA PHE B 407 9.54 0.96 8.45
C PHE B 407 9.33 -0.46 7.97
N LEU B 408 8.57 -0.66 6.89
CA LEU B 408 8.36 -2.00 6.35
C LEU B 408 9.68 -2.56 5.77
N SER B 409 10.61 -1.67 5.34
CA SER B 409 11.90 -2.01 4.79
C SER B 409 12.96 -2.22 5.88
N ASP B 410 13.61 -3.39 5.90
CA ASP B 410 14.69 -3.65 6.84
C ASP B 410 15.88 -2.75 6.57
N ARG B 411 16.15 -2.42 5.29
CA ARG B 411 17.25 -1.54 4.89
C ARG B 411 17.05 -0.16 5.50
N TRP B 412 15.81 0.36 5.44
CA TRP B 412 15.46 1.66 5.99
C TRP B 412 15.61 1.62 7.49
N MET B 413 15.09 0.58 8.15
CA MET B 413 15.21 0.44 9.60
C MET B 413 16.69 0.43 10.04
N LEU B 414 17.54 -0.29 9.30
CA LEU B 414 18.98 -0.37 9.60
C LEU B 414 19.64 0.99 9.41
N GLN B 415 19.39 1.63 8.26
CA GLN B 415 19.91 2.95 7.92
C GLN B 415 19.58 3.98 8.99
N LYS B 416 18.35 3.92 9.53
CA LYS B 416 17.91 4.83 10.59
C LYS B 416 18.34 4.42 12.01
N GLY B 417 18.95 3.25 12.16
CA GLY B 417 19.40 2.74 13.45
C GLY B 417 18.32 2.19 14.35
N PHE B 418 17.21 1.69 13.77
CA PHE B 418 16.09 1.14 14.54
C PHE B 418 16.15 -0.38 14.76
N LEU B 419 17.11 -1.05 14.10
CA LEU B 419 17.39 -2.47 14.22
C LEU B 419 18.89 -2.54 14.48
N LYS B 420 19.30 -3.08 15.63
CA LYS B 420 20.72 -3.25 15.93
C LYS B 420 21.10 -4.53 15.17
N GLU B 421 21.87 -4.44 14.07
CA GLU B 421 22.24 -5.60 13.24
C GLU B 421 23.00 -6.68 13.99
N GLU B 422 23.93 -6.25 14.87
CA GLU B 422 24.75 -7.13 15.71
C GLU B 422 23.89 -7.93 16.70
N ASP B 423 22.85 -7.28 17.29
CA ASP B 423 21.92 -7.90 18.24
C ASP B 423 20.71 -8.60 17.56
N LEU B 424 20.54 -8.38 16.25
CA LEU B 424 19.50 -8.99 15.42
C LEU B 424 19.90 -10.43 15.05
N THR B 425 21.23 -10.68 14.88
CA THR B 425 21.79 -11.98 14.53
C THR B 425 21.52 -13.09 15.59
N GLU B 426 20.90 -12.74 16.73
CA GLU B 426 20.56 -13.71 17.79
C GLU B 426 19.41 -14.65 17.36
N LYS B 427 18.45 -14.11 16.59
CA LYS B 427 17.35 -14.92 16.08
C LYS B 427 17.64 -15.53 14.68
N LYS B 428 18.88 -15.35 14.17
CA LYS B 428 19.29 -15.83 12.85
C LYS B 428 19.78 -17.29 12.87
N PRO B 429 19.36 -18.07 11.85
CA PRO B 429 19.71 -19.51 11.81
C PRO B 429 21.19 -19.86 11.89
N TRP B 430 21.47 -21.13 12.22
CA TRP B 430 22.83 -21.63 12.37
C TRP B 430 23.68 -21.55 11.11
N TRP B 431 23.03 -21.59 9.95
CA TRP B 431 23.74 -21.61 8.67
C TRP B 431 23.95 -20.24 8.03
N TRP B 432 23.36 -19.20 8.60
CA TRP B 432 23.33 -17.84 8.09
C TRP B 432 24.69 -17.27 7.74
N HIS B 433 25.67 -17.49 8.62
CA HIS B 433 27.00 -16.93 8.41
C HIS B 433 27.97 -17.86 7.69
N LEU B 434 27.54 -19.06 7.30
CA LEU B 434 28.36 -19.96 6.50
C LEU B 434 28.53 -19.37 5.08
N ARG B 435 29.51 -19.84 4.32
CA ARG B 435 29.79 -19.33 2.98
C ARG B 435 29.23 -20.22 1.88
N VAL B 436 28.97 -19.62 0.70
CA VAL B 436 28.42 -20.27 -0.48
C VAL B 436 29.20 -21.52 -0.88
N GLN B 437 30.54 -21.44 -0.85
CA GLN B 437 31.39 -22.56 -1.24
C GLN B 437 31.11 -23.85 -0.47
N GLU B 438 30.61 -23.73 0.77
CA GLU B 438 30.31 -24.88 1.62
C GLU B 438 29.11 -25.72 1.13
N LEU B 439 28.39 -25.25 0.11
CA LEU B 439 27.26 -26.00 -0.43
C LEU B 439 27.67 -27.22 -1.26
N GLY B 440 28.93 -27.28 -1.68
CA GLY B 440 29.39 -28.38 -2.52
C GLY B 440 28.80 -28.19 -3.90
N LEU B 441 29.29 -27.17 -4.58
CA LEU B 441 28.81 -26.77 -5.89
C LEU B 441 29.27 -27.72 -6.98
N SER B 442 28.38 -28.00 -7.93
CA SER B 442 28.69 -28.85 -9.07
C SER B 442 29.02 -27.92 -10.22
N ALA B 443 30.18 -28.09 -10.85
CA ALA B 443 30.58 -27.25 -11.98
C ALA B 443 29.60 -27.46 -13.14
N PRO B 444 28.97 -26.38 -13.61
CA PRO B 444 27.98 -26.53 -14.68
C PRO B 444 28.58 -26.48 -16.08
N LEU B 445 27.90 -27.12 -17.01
CA LEU B 445 28.26 -27.06 -18.42
C LEU B 445 27.73 -25.70 -18.93
N THR B 446 28.48 -24.98 -19.77
CA THR B 446 27.99 -23.72 -20.35
C THR B 446 27.83 -23.86 -21.86
N VAL B 447 26.92 -23.08 -22.46
CA VAL B 447 26.68 -23.12 -23.90
C VAL B 447 26.72 -21.71 -24.51
N LEU B 448 26.95 -21.61 -25.81
CA LEU B 448 26.95 -20.32 -26.51
C LEU B 448 25.51 -19.89 -26.79
N PRO B 449 25.23 -18.58 -26.90
CA PRO B 449 23.86 -18.14 -27.22
C PRO B 449 23.39 -18.50 -28.63
N THR B 450 24.32 -18.93 -29.50
CA THR B 450 24.03 -19.33 -30.87
C THR B 450 23.44 -20.74 -30.97
N ILE B 451 23.48 -21.53 -29.89
CA ILE B 451 22.96 -22.89 -29.88
C ILE B 451 21.48 -22.96 -30.22
N THR B 452 21.06 -24.03 -30.92
CA THR B 452 19.66 -24.23 -31.25
C THR B 452 18.95 -24.90 -30.07
N CYS B 453 17.61 -24.87 -30.10
CA CYS B 453 16.81 -25.53 -29.09
C CYS B 453 17.04 -27.04 -29.12
N GLY B 454 17.18 -27.60 -30.31
CA GLY B 454 17.42 -29.02 -30.50
C GLY B 454 18.78 -29.44 -30.00
N HIS B 455 19.82 -28.70 -30.37
CA HIS B 455 21.17 -29.02 -29.92
C HIS B 455 21.35 -28.86 -28.41
N THR B 456 20.53 -27.99 -27.77
CA THR B 456 20.54 -27.79 -26.32
C THR B 456 20.07 -29.08 -25.64
N ILE B 457 18.98 -29.69 -26.16
CA ILE B 457 18.44 -30.93 -25.65
C ILE B 457 19.50 -32.01 -25.79
N GLU B 458 20.12 -32.11 -26.98
CA GLU B 458 21.15 -33.10 -27.26
C GLU B 458 22.31 -33.00 -26.30
N ILE B 459 22.86 -31.79 -26.07
CA ILE B 459 24.02 -31.65 -25.22
C ILE B 459 23.72 -31.86 -23.74
N LEU B 460 22.58 -31.38 -23.25
CA LEU B 460 22.23 -31.57 -21.84
C LEU B 460 22.04 -33.05 -21.53
N ARG B 461 21.34 -33.77 -22.40
CA ARG B 461 21.09 -35.19 -22.19
C ARG B 461 22.35 -36.02 -22.39
N GLU B 462 23.15 -35.69 -23.41
CA GLU B 462 24.39 -36.39 -23.70
C GLU B 462 25.38 -36.23 -22.55
N LYS B 463 25.50 -35.01 -22.00
CA LYS B 463 26.45 -34.71 -20.91
C LYS B 463 25.92 -34.99 -19.50
N GLY B 464 24.61 -35.23 -19.36
CA GLY B 464 24.03 -35.55 -18.06
C GLY B 464 23.75 -34.36 -17.17
N PHE B 465 23.40 -33.22 -17.77
CA PHE B 465 23.08 -32.01 -17.03
C PHE B 465 21.62 -31.64 -17.26
N ASP B 466 20.99 -31.05 -16.25
CA ASP B 466 19.59 -30.63 -16.34
C ASP B 466 19.45 -29.14 -16.70
N GLN B 467 20.52 -28.38 -16.64
CA GLN B 467 20.54 -26.95 -16.91
C GLN B 467 21.94 -26.52 -17.37
N ALA B 468 22.01 -25.36 -18.02
CA ALA B 468 23.28 -24.82 -18.52
C ALA B 468 23.23 -23.32 -18.66
N PRO B 469 24.16 -22.60 -18.01
CA PRO B 469 24.24 -21.16 -18.23
C PRO B 469 24.68 -20.88 -19.67
N VAL B 470 24.16 -19.80 -20.23
CA VAL B 470 24.47 -19.38 -21.57
C VAL B 470 25.50 -18.28 -21.45
N VAL B 471 26.71 -18.51 -21.99
CA VAL B 471 27.80 -17.53 -21.92
C VAL B 471 28.30 -17.24 -23.32
N ASP B 472 28.38 -15.96 -23.70
CA ASP B 472 28.84 -15.61 -25.04
C ASP B 472 30.39 -15.69 -25.16
N GLU B 473 30.89 -15.49 -26.38
CA GLU B 473 32.30 -15.53 -26.76
C GLU B 473 33.12 -14.52 -25.93
N ALA B 474 32.53 -13.35 -25.62
CA ALA B 474 33.20 -12.34 -24.79
C ALA B 474 33.19 -12.66 -23.28
N GLY B 475 32.51 -13.73 -22.89
CA GLY B 475 32.43 -14.14 -21.49
C GLY B 475 31.26 -13.59 -20.71
N VAL B 476 30.32 -12.94 -21.39
CA VAL B 476 29.14 -12.38 -20.74
C VAL B 476 28.12 -13.47 -20.45
N ILE B 477 27.70 -13.60 -19.19
CA ILE B 477 26.69 -14.59 -18.84
C ILE B 477 25.34 -13.98 -19.23
N LEU B 478 24.62 -14.61 -20.15
CA LEU B 478 23.34 -14.13 -20.68
C LEU B 478 22.10 -14.67 -19.98
N GLY B 479 22.24 -15.78 -19.28
CA GLY B 479 21.14 -16.39 -18.56
C GLY B 479 21.31 -17.89 -18.42
N MET B 480 20.19 -18.60 -18.25
CA MET B 480 20.22 -20.05 -18.12
C MET B 480 19.21 -20.73 -19.02
N VAL B 481 19.49 -21.95 -19.45
CA VAL B 481 18.53 -22.76 -20.20
C VAL B 481 18.41 -24.10 -19.47
N THR B 482 17.18 -24.62 -19.27
CA THR B 482 17.02 -25.91 -18.61
C THR B 482 16.45 -26.97 -19.57
N LEU B 483 16.73 -28.24 -19.27
CA LEU B 483 16.25 -29.34 -20.08
C LEU B 483 14.73 -29.42 -20.04
N GLY B 484 14.17 -29.32 -18.83
CA GLY B 484 12.73 -29.38 -18.61
C GLY B 484 11.96 -28.32 -19.36
N ASN B 485 12.44 -27.09 -19.31
CA ASN B 485 11.75 -25.99 -19.99
C ASN B 485 11.91 -26.06 -21.49
N MET B 486 13.08 -26.49 -21.95
CA MET B 486 13.33 -26.60 -23.38
C MET B 486 12.44 -27.70 -23.98
N LEU B 487 12.33 -28.84 -23.29
CA LEU B 487 11.49 -29.95 -23.71
C LEU B 487 10.02 -29.55 -23.73
N SER B 488 9.55 -28.93 -22.64
CA SER B 488 8.17 -28.49 -22.56
C SER B 488 7.83 -27.50 -23.67
N SER B 489 8.75 -26.55 -23.95
CA SER B 489 8.53 -25.58 -25.01
C SER B 489 8.48 -26.24 -26.39
N LEU B 490 9.34 -27.23 -26.62
CA LEU B 490 9.35 -27.94 -27.89
C LEU B 490 8.09 -28.76 -28.09
N LEU B 491 7.71 -29.55 -27.07
CA LEU B 491 6.51 -30.39 -27.10
C LEU B 491 5.22 -29.59 -27.22
N ALA B 492 5.22 -28.33 -26.77
CA ALA B 492 4.05 -27.48 -26.92
C ALA B 492 4.10 -26.61 -28.19
N GLY B 493 5.09 -26.81 -29.05
CA GLY B 493 5.24 -26.05 -30.29
C GLY B 493 5.62 -24.59 -30.11
N LYS B 494 6.05 -24.18 -28.90
CA LYS B 494 6.47 -22.79 -28.66
C LYS B 494 7.74 -22.47 -29.46
N VAL B 495 8.67 -23.43 -29.52
CA VAL B 495 9.88 -23.32 -30.30
C VAL B 495 10.05 -24.54 -31.20
N GLN B 496 10.81 -24.37 -32.27
CA GLN B 496 11.17 -25.45 -33.17
C GLN B 496 12.62 -25.86 -32.87
N PRO B 497 13.02 -27.10 -33.22
CA PRO B 497 14.39 -27.54 -32.92
C PRO B 497 15.48 -26.63 -33.49
N SER B 498 15.24 -26.00 -34.63
CA SER B 498 16.22 -25.13 -35.27
C SER B 498 16.30 -23.71 -34.72
N ASP B 499 15.30 -23.30 -33.90
CA ASP B 499 15.30 -21.95 -33.34
C ASP B 499 16.43 -21.73 -32.37
N GLN B 500 16.85 -20.46 -32.20
CA GLN B 500 17.81 -20.14 -31.15
C GLN B 500 17.05 -20.10 -29.81
N VAL B 501 17.77 -20.09 -28.69
CA VAL B 501 17.16 -20.22 -27.38
C VAL B 501 16.51 -18.94 -26.79
N GLY B 502 16.36 -17.91 -27.61
CA GLY B 502 15.81 -16.61 -27.21
C GLY B 502 14.54 -16.61 -26.39
N LYS B 503 13.53 -17.38 -26.81
CA LYS B 503 12.25 -17.39 -26.08
C LYS B 503 12.26 -18.29 -24.83
N VAL B 504 13.24 -19.19 -24.73
CA VAL B 504 13.33 -20.17 -23.66
C VAL B 504 14.34 -19.82 -22.56
N ILE B 505 15.32 -18.97 -22.87
CA ILE B 505 16.34 -18.60 -21.92
C ILE B 505 15.78 -17.83 -20.72
N TYR B 506 16.26 -18.17 -19.51
CA TYR B 506 15.90 -17.47 -18.29
C TYR B 506 16.96 -16.39 -18.13
N LYS B 507 16.60 -15.13 -18.45
CA LYS B 507 17.49 -13.96 -18.46
C LYS B 507 17.85 -13.42 -17.08
N GLN B 508 16.96 -13.56 -16.11
CA GLN B 508 17.15 -13.00 -14.79
C GLN B 508 17.84 -13.93 -13.82
N PHE B 509 18.93 -13.44 -13.24
CA PHE B 509 19.74 -14.17 -12.27
C PHE B 509 20.61 -13.18 -11.49
N LYS B 510 21.18 -13.63 -10.37
CA LYS B 510 22.08 -12.80 -9.60
C LYS B 510 23.45 -13.47 -9.49
N GLN B 511 24.53 -12.71 -9.67
CA GLN B 511 25.87 -13.28 -9.53
C GLN B 511 26.30 -13.20 -8.09
N ILE B 512 26.95 -14.24 -7.60
CA ILE B 512 27.43 -14.28 -6.24
C ILE B 512 28.87 -14.80 -6.20
N ARG B 513 29.59 -14.46 -5.14
CA ARG B 513 30.96 -14.90 -4.94
C ARG B 513 31.00 -16.21 -4.13
N LEU B 514 32.06 -16.99 -4.30
CA LEU B 514 32.28 -18.20 -3.50
C LEU B 514 32.34 -17.86 -1.98
N THR B 515 32.84 -16.67 -1.66
CA THR B 515 32.99 -16.16 -0.30
C THR B 515 31.78 -15.41 0.26
N ASP B 516 30.65 -15.35 -0.47
CA ASP B 516 29.45 -14.69 0.06
C ASP B 516 28.78 -15.58 1.10
N THR B 517 27.94 -15.01 1.98
CA THR B 517 27.27 -15.82 3.00
C THR B 517 25.99 -16.47 2.50
N LEU B 518 25.57 -17.54 3.17
CA LEU B 518 24.30 -18.19 2.88
C LEU B 518 23.12 -17.30 3.27
N GLY B 519 23.31 -16.37 4.20
CA GLY B 519 22.29 -15.40 4.56
C GLY B 519 22.04 -14.46 3.39
N ARG B 520 23.13 -14.02 2.74
CA ARG B 520 23.07 -13.19 1.54
C ARG B 520 22.33 -13.94 0.44
N LEU B 521 22.66 -15.23 0.27
CA LEU B 521 22.00 -16.10 -0.68
C LEU B 521 20.49 -16.19 -0.40
N SER B 522 20.11 -16.38 0.87
CA SER B 522 18.71 -16.46 1.25
C SER B 522 17.95 -15.20 0.86
N HIS B 523 18.54 -14.02 1.05
CA HIS B 523 17.90 -12.77 0.66
C HIS B 523 17.74 -12.69 -0.84
N ILE B 524 18.80 -13.06 -1.59
CA ILE B 524 18.82 -13.06 -3.05
C ILE B 524 17.72 -13.94 -3.60
N LEU B 525 17.51 -15.12 -2.99
CA LEU B 525 16.49 -16.08 -3.41
C LEU B 525 15.04 -15.64 -3.15
N GLU B 526 14.85 -14.50 -2.49
CA GLU B 526 13.53 -13.92 -2.35
C GLU B 526 13.19 -13.04 -3.57
N MET B 527 14.17 -12.77 -4.49
CA MET B 527 13.97 -11.98 -5.69
C MET B 527 14.29 -12.74 -6.99
N ASP B 528 15.25 -13.67 -6.95
CA ASP B 528 15.66 -14.44 -8.13
C ASP B 528 15.55 -15.93 -7.90
N HIS B 529 15.30 -16.70 -8.97
CA HIS B 529 15.23 -18.14 -8.86
C HIS B 529 16.63 -18.74 -8.68
N PHE B 530 17.65 -18.26 -9.43
CA PHE B 530 19.01 -18.79 -9.24
C PHE B 530 20.09 -17.72 -9.06
N ALA B 531 21.11 -18.13 -8.32
CA ALA B 531 22.32 -17.39 -8.01
C ALA B 531 23.46 -18.13 -8.70
N LEU B 532 24.22 -17.40 -9.51
CA LEU B 532 25.32 -18.00 -10.24
C LEU B 532 26.62 -17.65 -9.56
N VAL B 533 27.37 -18.67 -9.12
CA VAL B 533 28.62 -18.47 -8.40
C VAL B 533 29.74 -18.21 -9.38
N VAL B 534 30.37 -17.03 -9.34
CA VAL B 534 31.38 -16.66 -10.33
C VAL B 534 32.77 -16.45 -9.75
N HIS B 535 33.78 -16.41 -10.66
CA HIS B 535 35.19 -16.17 -10.40
C HIS B 535 35.45 -14.66 -10.50
N GLU B 536 36.09 -14.05 -9.49
CA GLU B 536 36.34 -12.60 -9.52
C GLU B 536 37.25 -12.18 -10.67
N GLN B 537 38.14 -13.08 -11.10
CA GLN B 537 39.10 -12.82 -12.18
C GLN B 537 38.72 -13.42 -13.54
N GLN B 538 37.68 -14.28 -13.61
CA GLN B 538 37.25 -14.87 -14.89
C GLN B 538 35.74 -14.87 -14.90
N ARG B 539 35.12 -13.82 -15.49
CA ARG B 539 33.66 -13.67 -15.50
C ARG B 539 32.92 -14.80 -16.22
N GLN B 540 33.48 -15.29 -17.33
CA GLN B 540 32.91 -16.40 -18.07
C GLN B 540 32.91 -17.73 -17.28
N MET B 541 33.62 -17.77 -16.14
CA MET B 541 33.74 -18.99 -15.38
C MET B 541 32.75 -19.09 -14.24
N VAL B 542 31.87 -20.07 -14.35
CA VAL B 542 30.83 -20.31 -13.38
C VAL B 542 31.15 -21.54 -12.54
N PHE B 543 31.24 -21.35 -11.23
CA PHE B 543 31.54 -22.43 -10.28
C PHE B 543 30.31 -23.30 -10.05
N GLY B 544 29.16 -22.67 -9.92
CA GLY B 544 27.92 -23.38 -9.67
C GLY B 544 26.67 -22.54 -9.83
N VAL B 545 25.54 -23.23 -9.86
CA VAL B 545 24.22 -22.65 -9.97
C VAL B 545 23.49 -23.03 -8.70
N VAL B 546 23.02 -22.04 -7.94
CA VAL B 546 22.36 -22.30 -6.68
C VAL B 546 20.93 -21.77 -6.69
N THR B 547 19.98 -22.61 -6.27
CA THR B 547 18.57 -22.25 -6.15
C THR B 547 18.10 -22.51 -4.70
N ALA B 548 16.86 -22.11 -4.36
CA ALA B 548 16.28 -22.33 -3.04
C ALA B 548 16.28 -23.81 -2.64
N ILE B 549 16.11 -24.70 -3.62
CA ILE B 549 16.11 -26.14 -3.38
C ILE B 549 17.49 -26.62 -2.93
N ASP B 550 18.56 -26.10 -3.52
CA ASP B 550 19.92 -26.46 -3.12
C ASP B 550 20.19 -26.04 -1.69
N LEU B 551 19.72 -24.86 -1.30
CA LEU B 551 19.92 -24.38 0.05
C LEU B 551 19.14 -25.22 1.05
N LEU B 552 17.89 -25.57 0.72
CA LEU B 552 17.06 -26.42 1.58
C LEU B 552 17.71 -27.78 1.76
N ASN B 553 18.17 -28.40 0.66
CA ASN B 553 18.81 -29.72 0.69
C ASN B 553 20.01 -29.72 1.60
N PHE B 554 20.81 -28.65 1.55
CA PHE B 554 21.97 -28.51 2.41
C PHE B 554 21.53 -28.42 3.87
N VAL B 555 20.68 -27.45 4.20
CA VAL B 555 20.22 -27.24 5.57
C VAL B 555 19.58 -28.48 6.16
N ALA B 556 18.67 -29.11 5.42
CA ALA B 556 17.99 -30.31 5.88
C ALA B 556 18.94 -31.48 6.12
N ALA B 557 19.86 -31.74 5.18
CA ALA B 557 20.80 -32.84 5.32
C ALA B 557 21.69 -32.67 6.55
N GLN B 558 22.17 -31.45 6.78
CA GLN B 558 23.00 -31.14 7.94
C GLN B 558 22.28 -31.41 9.27
N GLU B 559 21.00 -31.02 9.39
CA GLU B 559 20.26 -31.22 10.63
C GLU B 559 19.49 -32.55 10.71
N ARG B 560 19.72 -33.46 9.76
CA ARG B 560 19.14 -34.81 9.82
C ARG B 560 20.18 -35.84 10.34
N ASP B 561 21.36 -35.39 10.82
CA ASP B 561 22.42 -36.29 11.29
C ASP B 561 23.01 -35.82 12.64
N GLN B 562 22.97 -34.50 12.92
CA GLN B 562 23.50 -33.92 14.16
C GLN B 562 22.61 -34.22 15.37
#